data_4WK0
#
_entry.id   4WK0
#
_cell.length_a   61.060
_cell.length_b   117.070
_cell.length_c   167.090
_cell.angle_alpha   90.000
_cell.angle_beta   90.000
_cell.angle_gamma   90.000
#
_symmetry.space_group_name_H-M   'P 21 21 21'
#
loop_
_entity.id
_entity.type
_entity.pdbx_description
1 polymer 'Integrin alpha-5'
2 polymer 'Integrin beta-1'
3 polymer ARG-GLY-ASP
4 branched alpha-D-mannopyranose-(1-3)-alpha-D-mannopyranose-(1-6)-[alpha-D-mannopyranose-(1-3)]beta-D-mannopyranose-(1-4)-2-acetamido-2-deoxy-beta-D-glucopyranose-(1-4)-2-acetamido-2-deoxy-beta-D-glucopyranose
5 branched 2-acetamido-2-deoxy-beta-D-glucopyranose-(1-4)-2-acetamido-2-deoxy-beta-D-glucopyranose
6 non-polymer 'CALCIUM ION'
7 non-polymer 2-acetamido-2-deoxy-beta-D-glucopyranose
8 non-polymer 'MAGNESIUM ION'
9 water water
#
loop_
_entity_poly.entity_id
_entity_poly.type
_entity_poly.pdbx_seq_one_letter_code
_entity_poly.pdbx_strand_id
1 'polypeptide(L)'
;FNLDAEAPAVLSGPPGSFFGFSVEFYRPGTDGVSVLVGAPKANTSQPGVLQGGAVYLCPWGASPTQCTPIEFDSKGSRLL
ESSLSSSEGEEPVEYKSLQWFGATVRAHGSSILACAPLYSWRTEKEPLSDPVGTCYLSTDNFTRILEYAPCRSDFSWAAG
QGYCQGGFSAEFTKTGRVVLGGPGSYFWQGQILSATQEQIAESYYPEYLINLVQGQLQTRQASSIYDDSYLGYSVAVGEF
SGDDTEDFVAGVPKGNLTYGYVTILNGSDIRSLYNFSGEQMASYFGYAVAATDVNGDGLDDLLVGAPLLMDRTPDGRPQE
VGRVYVYLQHPAGIEPTPTLTLTGHDEFGRFGSSLTPLGDLDQDGYNDVAIGAPFGGETQQGVVFVFPGGPGGLGSKPSQ
VLQPLWAASHTPDFFGSALRGGRDLDGNGYPDLIVGSFGVDKAVVYRGRPVV
;
A
2 'polypeptide(L)'
;QTDENRCLKANAKSCGECIQAGPNCGWCTNSTFLQEGMPTSARCDDLEALKKKGCPPDDIENPRGSKDIKKNKNVTNRSK
GTAEKLKPEDITQIQPQQLVLRLRSGEPQTFTLKFKRAEDYPIDLYYLMDLSYSMKDDLENVKSLGTDLMNEMRRITSDF
RIGFGSFVEKTVMPYISTTPAKLRNPCTSEQNCTTPFSYKNVLSLTNKGEVFNELVGKQRISGNLDSPEGGFDAIMQVAV
CGSLIGWRNVTRLLVFSTDAGFHFAGDGKLGGIVLPNDGQCHLENNMYTMSHYYDYPSIAHLVQKLSENNIQTIFAVTEE
FQPVYKELKNLIPKSAVGTLSANSSNVIQLIIDAYNSLSSEVILENGKLSEGVTISYKSYCKNGVNGTGENGRKCSNISI
GDEVQFEISITSNKCPKKDSDSFKIRPLGFTEEVEVILQYICECE
;
B
3 'polypeptide(L)' RGD C
#
# COMPACT_ATOMS: atom_id res chain seq x y z
N PHE A 1 -6.76 -7.76 26.08
CA PHE A 1 -6.31 -6.84 27.16
C PHE A 1 -5.43 -7.53 28.19
N ASN A 2 -5.50 -8.87 28.23
CA ASN A 2 -4.78 -9.62 29.24
C ASN A 2 -3.46 -10.24 28.77
N LEU A 3 -2.99 -9.90 27.58
CA LEU A 3 -1.63 -10.31 27.19
C LEU A 3 -0.64 -9.57 28.07
N ASP A 4 0.46 -10.22 28.40
CA ASP A 4 1.45 -9.61 29.29
C ASP A 4 2.42 -8.76 28.47
N ALA A 5 2.02 -7.52 28.22
CA ALA A 5 2.79 -6.59 27.39
C ALA A 5 3.96 -5.93 28.15
N GLU A 6 3.87 -5.92 29.47
CA GLU A 6 4.95 -5.35 30.29
C GLU A 6 6.29 -6.13 30.20
N ALA A 7 6.23 -7.42 29.90
CA ALA A 7 7.45 -8.23 29.86
C ALA A 7 7.34 -9.44 28.92
N PRO A 8 7.16 -9.18 27.63
CA PRO A 8 7.11 -10.32 26.71
C PRO A 8 8.47 -10.98 26.56
N ALA A 9 8.51 -12.16 25.96
CA ALA A 9 9.77 -12.84 25.71
C ALA A 9 10.27 -12.49 24.31
N VAL A 10 11.48 -11.96 24.23
CA VAL A 10 12.05 -11.58 22.94
C VAL A 10 13.08 -12.60 22.46
N LEU A 11 12.79 -13.18 21.30
CA LEU A 11 13.73 -14.05 20.59
C LEU A 11 14.47 -13.27 19.53
N SER A 12 15.76 -13.52 19.40
CA SER A 12 16.58 -12.84 18.40
C SER A 12 17.32 -13.85 17.54
N GLY A 13 17.49 -13.52 16.27
CA GLY A 13 18.18 -14.39 15.34
C GLY A 13 19.34 -13.66 14.72
N PRO A 14 19.98 -14.28 13.73
CA PRO A 14 21.17 -13.63 13.16
C PRO A 14 20.81 -12.35 12.40
N PRO A 15 21.66 -11.33 12.51
CA PRO A 15 21.37 -10.01 11.94
C PRO A 15 21.27 -10.07 10.41
N GLY A 16 20.22 -9.45 9.88
CA GLY A 16 20.03 -9.43 8.44
C GLY A 16 19.46 -10.71 7.90
N SER A 17 19.16 -11.66 8.79
CA SER A 17 18.59 -12.94 8.38
C SER A 17 17.08 -12.84 8.13
N PHE A 18 16.49 -11.71 8.49
CA PHE A 18 15.03 -11.53 8.53
C PHE A 18 14.35 -12.53 9.47
N PHE A 19 15.06 -12.92 10.53
CA PHE A 19 14.51 -13.75 11.59
C PHE A 19 13.22 -13.10 12.11
N GLY A 20 12.10 -13.81 11.99
CA GLY A 20 10.80 -13.29 12.39
C GLY A 20 9.84 -13.05 11.25
N PHE A 21 10.31 -13.24 10.01
CA PHE A 21 9.46 -13.05 8.85
C PHE A 21 8.20 -13.93 8.89
N SER A 22 8.34 -15.10 9.51
CA SER A 22 7.23 -16.03 9.71
CA SER A 22 7.20 -15.98 9.74
C SER A 22 7.38 -16.64 11.11
N VAL A 23 6.26 -16.90 11.77
CA VAL A 23 6.30 -17.44 13.12
C VAL A 23 5.19 -18.46 13.30
N GLU A 24 5.44 -19.47 14.12
CA GLU A 24 4.48 -20.55 14.28
C GLU A 24 4.66 -21.27 15.63
N PHE A 25 3.60 -21.96 16.07
CA PHE A 25 3.68 -22.86 17.21
C PHE A 25 3.94 -24.28 16.76
N TYR A 26 4.75 -25.00 17.53
CA TYR A 26 5.03 -26.40 17.24
C TYR A 26 4.81 -27.24 18.49
N ARG A 27 3.96 -28.26 18.38
CA ARG A 27 3.76 -29.20 19.50
C ARG A 27 3.54 -30.62 18.99
N PRO A 28 4.64 -31.40 18.83
CA PRO A 28 4.49 -32.82 18.45
C PRO A 28 3.75 -33.59 19.54
N GLY A 29 3.88 -33.10 20.77
CA GLY A 29 3.02 -33.51 21.87
C GLY A 29 2.67 -32.27 22.70
N THR A 30 3.35 -32.10 23.83
CA THR A 30 3.28 -30.87 24.61
C THR A 30 4.64 -30.59 25.26
N ASP A 31 5.30 -31.65 25.71
CA ASP A 31 6.61 -31.54 26.34
C ASP A 31 7.66 -30.94 25.41
N GLY A 32 7.39 -31.01 24.12
CA GLY A 32 8.25 -30.40 23.11
C GLY A 32 7.60 -29.17 22.48
N VAL A 33 6.71 -28.52 23.23
CA VAL A 33 6.10 -27.29 22.75
C VAL A 33 7.17 -26.24 22.43
N SER A 34 7.06 -25.62 21.26
CA SER A 34 8.11 -24.75 20.77
C SER A 34 7.58 -23.67 19.86
N VAL A 35 8.36 -22.61 19.75
CA VAL A 35 8.14 -21.58 18.76
C VAL A 35 9.00 -21.86 17.52
N LEU A 36 8.41 -21.71 16.34
CA LEU A 36 9.14 -21.82 15.07
C LEU A 36 9.28 -20.43 14.49
N VAL A 37 10.50 -20.08 14.07
CA VAL A 37 10.74 -18.78 13.48
C VAL A 37 11.46 -18.90 12.14
N GLY A 38 10.86 -18.33 11.11
CA GLY A 38 11.44 -18.30 9.79
C GLY A 38 12.41 -17.14 9.65
N ALA A 39 13.56 -17.43 9.03
CA ALA A 39 14.59 -16.43 8.79
C ALA A 39 15.06 -16.61 7.34
N PRO A 40 14.29 -16.06 6.39
CA PRO A 40 14.46 -16.38 4.97
C PRO A 40 15.75 -15.88 4.34
N LYS A 41 16.50 -15.03 5.03
CA LYS A 41 17.77 -14.57 4.48
C LYS A 41 18.94 -15.12 5.25
N ALA A 42 18.68 -16.10 6.11
CA ALA A 42 19.73 -16.66 6.93
C ALA A 42 20.71 -17.44 6.08
N ASN A 43 21.98 -17.34 6.43
CA ASN A 43 22.99 -18.24 5.88
C ASN A 43 22.92 -19.61 6.53
N THR A 44 23.31 -20.61 5.76
CA THR A 44 23.24 -22.00 6.18
C THR A 44 24.54 -22.70 5.83
N SER A 45 24.72 -23.89 6.37
CA SER A 45 25.91 -24.68 6.09
C SER A 45 25.80 -25.47 4.78
N GLN A 46 24.77 -25.17 3.98
CA GLN A 46 24.63 -25.76 2.66
C GLN A 46 25.76 -25.29 1.75
N PRO A 47 26.50 -26.24 1.15
CA PRO A 47 27.64 -25.83 0.32
C PRO A 47 27.21 -25.07 -0.93
N GLY A 48 27.82 -23.89 -1.13
CA GLY A 48 27.59 -23.11 -2.33
C GLY A 48 26.32 -22.30 -2.29
N VAL A 49 25.57 -22.39 -1.20
CA VAL A 49 24.31 -21.69 -1.06
C VAL A 49 24.45 -20.45 -0.20
N LEU A 50 24.26 -19.31 -0.83
CA LEU A 50 24.30 -18.02 -0.17
C LEU A 50 22.90 -17.61 0.29
N GLN A 51 22.72 -17.44 1.60
CA GLN A 51 21.44 -17.02 2.17
C GLN A 51 20.29 -17.91 1.69
N GLY A 52 20.39 -19.20 1.93
CA GLY A 52 19.34 -20.14 1.56
C GLY A 52 18.07 -19.92 2.35
N GLY A 53 18.23 -19.39 3.56
CA GLY A 53 17.13 -19.16 4.47
C GLY A 53 17.06 -20.33 5.44
N ALA A 54 16.46 -20.08 6.60
CA ALA A 54 16.36 -21.12 7.61
C ALA A 54 15.11 -20.98 8.46
N VAL A 55 14.81 -22.05 9.18
CA VAL A 55 13.74 -22.06 10.16
C VAL A 55 14.32 -22.48 11.49
N TYR A 56 14.00 -21.71 12.52
CA TYR A 56 14.56 -21.94 13.84
C TYR A 56 13.53 -22.59 14.73
N LEU A 57 14.01 -23.55 15.52
CA LEU A 57 13.19 -24.23 16.51
C LEU A 57 13.56 -23.69 17.88
N CYS A 58 12.57 -23.19 18.61
CA CYS A 58 12.81 -22.51 19.88
C CYS A 58 12.01 -23.15 21.01
N PRO A 59 12.59 -24.14 21.71
CA PRO A 59 11.83 -24.80 22.77
C PRO A 59 11.40 -23.87 23.89
N TRP A 60 10.13 -23.95 24.25
CA TRP A 60 9.59 -23.11 25.29
C TRP A 60 9.70 -23.77 26.67
N GLY A 61 10.50 -23.18 27.56
CA GLY A 61 10.77 -23.80 28.84
C GLY A 61 11.75 -23.06 29.74
N ALA A 62 12.98 -22.87 29.28
CA ALA A 62 14.01 -22.19 30.08
C ALA A 62 15.27 -21.89 29.27
N GLN A 66 18.59 -21.18 23.10
CA GLN A 66 17.15 -20.97 22.97
C GLN A 66 16.66 -21.39 21.59
N CYS A 67 17.20 -20.79 20.53
CA CYS A 67 16.76 -21.10 19.15
C CYS A 67 17.85 -21.76 18.31
N THR A 68 17.50 -22.87 17.66
CA THR A 68 18.43 -23.63 16.82
C THR A 68 17.81 -23.92 15.44
N PRO A 69 18.61 -23.82 14.37
CA PRO A 69 18.04 -24.05 13.04
C PRO A 69 17.66 -25.50 12.83
N ILE A 70 16.59 -25.73 12.08
CA ILE A 70 16.18 -27.08 11.72
C ILE A 70 16.84 -27.44 10.42
N GLU A 71 17.37 -28.66 10.32
CA GLU A 71 18.02 -29.04 9.07
C GLU A 71 17.01 -29.74 8.18
N PHE A 72 16.26 -28.96 7.41
CA PHE A 72 15.35 -29.51 6.44
C PHE A 72 16.13 -30.08 5.26
N ASP A 73 17.09 -29.29 4.79
CA ASP A 73 17.89 -29.61 3.62
C ASP A 73 19.34 -29.20 3.86
N SER A 74 20.22 -30.19 3.97
CA SER A 74 21.62 -29.93 4.23
C SER A 74 22.42 -29.77 2.94
N LYS A 75 21.77 -29.95 1.79
CA LYS A 75 22.48 -30.03 0.53
C LYS A 75 22.50 -28.71 -0.23
N GLY A 76 23.55 -28.50 -1.00
CA GLY A 76 23.64 -27.39 -1.93
C GLY A 76 22.79 -27.63 -3.16
N SER A 77 22.91 -26.74 -4.14
CA SER A 77 22.09 -26.83 -5.33
C SER A 77 22.53 -28.03 -6.16
N ARG A 78 21.57 -28.86 -6.55
CA ARG A 78 21.84 -30.04 -7.36
C ARG A 78 22.34 -29.66 -8.74
N LEU A 79 22.97 -30.64 -9.39
CA LEU A 79 23.61 -30.42 -10.67
C LEU A 79 22.80 -31.03 -11.81
N LEU A 80 22.93 -30.41 -12.98
CA LEU A 80 22.28 -30.92 -14.18
C LEU A 80 23.01 -32.18 -14.62
N GLU A 81 22.33 -33.32 -14.57
CA GLU A 81 22.99 -34.61 -14.81
C GLU A 81 23.65 -34.68 -16.18
N SER A 82 23.03 -34.05 -17.18
CA SER A 82 23.59 -34.07 -18.53
C SER A 82 24.92 -33.33 -18.63
N SER A 83 25.24 -32.51 -17.63
CA SER A 83 26.46 -31.70 -17.67
C SER A 83 27.62 -32.32 -16.89
N LEU A 84 27.35 -33.42 -16.19
CA LEU A 84 28.32 -34.00 -15.27
C LEU A 84 29.64 -34.36 -15.95
N SER A 85 29.56 -34.72 -17.22
CA SER A 85 30.75 -35.07 -17.99
C SER A 85 30.51 -35.01 -19.50
N SER A 86 29.25 -35.11 -19.92
CA SER A 86 28.91 -34.96 -21.34
C SER A 86 29.46 -33.63 -21.83
N SER A 87 29.23 -32.60 -21.02
CA SER A 87 29.74 -31.27 -21.30
C SER A 87 31.05 -31.05 -20.58
N GLU A 88 31.66 -29.90 -20.84
CA GLU A 88 32.84 -29.48 -20.11
C GLU A 88 32.43 -28.43 -19.09
N GLY A 89 32.03 -28.94 -17.93
CA GLY A 89 31.68 -28.12 -16.80
C GLY A 89 30.34 -28.52 -16.24
N GLU A 90 30.34 -29.01 -15.00
CA GLU A 90 29.09 -29.20 -14.27
C GLU A 90 28.36 -27.88 -14.25
N GLU A 91 27.04 -27.94 -14.22
CA GLU A 91 26.29 -26.73 -13.92
C GLU A 91 25.06 -27.09 -13.10
N PRO A 92 24.61 -26.15 -12.26
CA PRO A 92 23.44 -26.43 -11.42
C PRO A 92 22.16 -26.53 -12.24
N VAL A 93 21.25 -27.37 -11.76
CA VAL A 93 19.92 -27.49 -12.33
C VAL A 93 18.94 -26.62 -11.53
N GLU A 94 19.36 -26.18 -10.35
CA GLU A 94 18.51 -25.34 -9.48
C GLU A 94 19.31 -24.29 -8.76
N TYR A 95 18.60 -23.35 -8.11
CA TYR A 95 19.22 -22.16 -7.56
C TYR A 95 18.68 -21.88 -6.15
N LYS A 96 19.30 -22.52 -5.16
CA LYS A 96 18.89 -22.38 -3.77
C LYS A 96 19.35 -21.07 -3.14
N SER A 97 20.41 -20.45 -3.66
CA SER A 97 20.84 -19.16 -3.16
C SER A 97 19.70 -18.12 -3.25
N LEU A 98 19.52 -17.37 -2.16
CA LEU A 98 18.56 -16.27 -2.15
C LEU A 98 17.12 -16.76 -2.35
N GLN A 99 16.87 -18.01 -1.99
CA GLN A 99 15.56 -18.62 -2.24
C GLN A 99 14.48 -18.29 -1.19
N TRP A 100 14.87 -17.62 -0.10
CA TRP A 100 13.94 -17.27 0.98
C TRP A 100 13.26 -18.50 1.64
N PHE A 101 14.01 -19.56 1.88
CA PHE A 101 13.49 -20.66 2.67
C PHE A 101 13.11 -20.18 4.07
N GLY A 102 11.87 -20.44 4.45
CA GLY A 102 11.37 -20.04 5.75
C GLY A 102 10.59 -18.75 5.67
N ALA A 103 10.29 -18.31 4.46
CA ALA A 103 9.41 -17.17 4.25
C ALA A 103 8.03 -17.50 4.81
N THR A 104 7.72 -18.80 4.83
CA THR A 104 6.48 -19.35 5.37
C THR A 104 6.84 -20.56 6.21
N VAL A 105 6.30 -20.61 7.41
CA VAL A 105 6.50 -21.74 8.31
C VAL A 105 5.15 -22.07 8.91
N ARG A 106 4.70 -23.30 8.74
CA ARG A 106 3.41 -23.73 9.29
C ARG A 106 3.59 -25.10 9.88
N ALA A 107 2.78 -25.44 10.87
CA ALA A 107 2.92 -26.73 11.53
C ALA A 107 1.58 -27.29 11.90
N HIS A 108 1.50 -28.61 11.91
CA HIS A 108 0.30 -29.32 12.29
C HIS A 108 0.74 -30.63 12.90
N GLY A 109 0.39 -30.84 14.17
CA GLY A 109 0.89 -31.98 14.91
C GLY A 109 2.40 -32.03 14.90
N SER A 110 2.94 -33.18 14.51
CA SER A 110 4.39 -33.36 14.44
C SER A 110 4.91 -33.13 13.02
N SER A 111 4.15 -32.41 12.21
CA SER A 111 4.59 -31.97 10.88
C SER A 111 4.86 -30.48 10.80
N ILE A 112 5.90 -30.13 10.05
CA ILE A 112 6.25 -28.74 9.79
C ILE A 112 6.41 -28.55 8.31
N LEU A 113 5.68 -27.57 7.77
CA LEU A 113 5.86 -27.12 6.40
C LEU A 113 6.66 -25.82 6.39
N ALA A 114 7.73 -25.77 5.61
CA ALA A 114 8.49 -24.53 5.41
C ALA A 114 8.75 -24.31 3.92
N CYS A 115 8.51 -23.09 3.43
CA CYS A 115 8.58 -22.83 1.99
C CYS A 115 9.67 -21.83 1.61
N ALA A 116 10.15 -22.01 0.38
CA ALA A 116 11.11 -21.10 -0.24
C ALA A 116 10.53 -20.54 -1.54
N PRO A 117 9.78 -19.44 -1.43
CA PRO A 117 9.07 -18.91 -2.60
C PRO A 117 9.97 -18.27 -3.66
N LEU A 118 11.24 -18.03 -3.37
CA LEU A 118 12.16 -17.50 -4.38
C LEU A 118 13.15 -18.56 -4.86
N TYR A 119 12.96 -19.80 -4.43
CA TYR A 119 13.63 -20.92 -5.08
C TYR A 119 13.29 -20.92 -6.58
N SER A 120 14.32 -21.11 -7.40
CA SER A 120 14.12 -21.22 -8.86
C SER A 120 14.95 -22.38 -9.38
N TRP A 121 14.66 -22.80 -10.60
CA TRP A 121 15.42 -23.86 -11.21
C TRP A 121 15.51 -23.66 -12.71
N ARG A 122 16.37 -24.46 -13.32
CA ARG A 122 16.76 -24.29 -14.70
C ARG A 122 15.84 -25.04 -15.66
N THR A 123 15.19 -26.08 -15.13
CA THR A 123 14.68 -27.21 -15.91
C THR A 123 15.83 -27.96 -16.53
N GLU A 124 15.55 -29.17 -17.01
CA GLU A 124 16.57 -30.02 -17.62
C GLU A 124 16.48 -29.98 -19.15
N LYS A 125 15.72 -29.02 -19.68
CA LYS A 125 15.58 -28.84 -21.12
C LYS A 125 16.25 -27.53 -21.52
N GLU A 126 15.51 -26.56 -22.05
CA GLU A 126 16.11 -25.26 -22.34
C GLU A 126 16.45 -24.60 -20.99
N PRO A 127 17.57 -23.87 -20.92
CA PRO A 127 17.95 -23.21 -19.66
C PRO A 127 17.03 -22.06 -19.29
N LEU A 128 16.32 -22.20 -18.17
CA LEU A 128 15.44 -21.14 -17.71
C LEU A 128 15.90 -20.64 -16.36
N SER A 129 15.21 -19.63 -15.84
CA SER A 129 15.42 -19.17 -14.48
C SER A 129 14.04 -19.12 -13.81
N ASP A 130 13.42 -20.29 -13.68
CA ASP A 130 12.01 -20.41 -13.30
C ASP A 130 11.80 -20.44 -11.78
N PRO A 131 11.28 -19.33 -11.21
CA PRO A 131 11.04 -19.37 -9.76
C PRO A 131 9.75 -20.11 -9.40
N VAL A 132 9.83 -21.44 -9.48
CA VAL A 132 8.68 -22.30 -9.20
C VAL A 132 8.34 -22.35 -7.71
N GLY A 133 9.31 -22.02 -6.88
CA GLY A 133 9.16 -22.16 -5.45
C GLY A 133 9.24 -23.62 -5.04
N THR A 134 9.62 -23.87 -3.80
CA THR A 134 9.52 -25.21 -3.22
C THR A 134 9.29 -25.16 -1.72
N CYS A 135 8.81 -26.27 -1.17
CA CYS A 135 8.59 -26.44 0.26
C CYS A 135 9.28 -27.69 0.76
N TYR A 136 9.63 -27.69 2.03
CA TYR A 136 10.07 -28.90 2.69
C TYR A 136 9.07 -29.23 3.80
N LEU A 137 8.79 -30.52 3.93
CA LEU A 137 7.81 -30.98 4.90
C LEU A 137 8.47 -31.96 5.82
N SER A 138 8.60 -31.58 7.08
CA SER A 138 9.07 -32.48 8.12
C SER A 138 7.86 -33.26 8.60
N THR A 139 7.99 -34.58 8.75
CA THR A 139 6.91 -35.37 9.32
C THR A 139 7.41 -36.29 10.43
N ASP A 140 6.49 -36.63 11.32
CA ASP A 140 6.77 -37.48 12.47
C ASP A 140 7.95 -36.95 13.29
N ASN A 141 7.89 -35.66 13.59
CA ASN A 141 8.89 -35.00 14.42
C ASN A 141 10.30 -35.20 13.90
N PHE A 142 10.51 -34.80 12.65
CA PHE A 142 11.84 -34.76 12.02
C PHE A 142 12.43 -36.12 11.67
N THR A 143 11.61 -37.17 11.57
CA THR A 143 12.14 -38.48 11.22
C THR A 143 12.09 -38.72 9.73
N ARG A 144 11.28 -37.93 9.02
CA ARG A 144 11.27 -37.98 7.55
C ARG A 144 11.07 -36.58 7.00
N ILE A 145 11.89 -36.21 6.02
CA ILE A 145 11.75 -34.92 5.38
C ILE A 145 11.54 -35.07 3.87
N LEU A 146 10.46 -34.46 3.41
CA LEU A 146 10.05 -34.46 2.02
C LEU A 146 10.22 -33.07 1.40
N GLU A 147 10.63 -33.04 0.13
CA GLU A 147 10.46 -31.84 -0.68
C GLU A 147 9.11 -31.94 -1.40
N TYR A 148 8.39 -30.83 -1.44
CA TYR A 148 7.15 -30.75 -2.19
C TYR A 148 7.16 -29.43 -2.96
N ALA A 149 7.25 -29.56 -4.28
CA ALA A 149 7.29 -28.41 -5.19
C ALA A 149 6.30 -28.64 -6.31
N PRO A 150 5.01 -28.43 -6.03
CA PRO A 150 4.01 -28.82 -7.03
C PRO A 150 4.06 -27.96 -8.31
N CYS A 151 4.71 -26.80 -8.23
CA CYS A 151 4.87 -25.97 -9.44
C CYS A 151 6.14 -26.29 -10.22
N ARG A 152 6.96 -27.20 -9.69
CA ARG A 152 8.10 -27.69 -10.44
C ARG A 152 7.56 -28.82 -11.31
N SER A 153 6.98 -28.42 -12.43
CA SER A 153 6.17 -29.31 -13.27
C SER A 153 6.70 -29.38 -14.70
N ASP A 154 5.95 -30.12 -15.51
CA ASP A 154 6.20 -30.20 -16.94
C ASP A 154 5.94 -28.90 -17.70
N PHE A 155 5.17 -27.99 -17.10
CA PHE A 155 4.75 -26.77 -17.76
CA PHE A 155 4.73 -26.76 -17.76
C PHE A 155 5.61 -25.61 -17.27
N SER A 156 6.60 -25.26 -18.06
CA SER A 156 7.63 -24.34 -17.63
C SER A 156 7.35 -22.88 -17.99
N TRP A 157 8.19 -22.00 -17.47
CA TRP A 157 8.18 -20.58 -17.84
C TRP A 157 6.91 -19.85 -17.35
N ALA A 158 6.84 -18.54 -17.57
CA ALA A 158 5.74 -17.72 -17.06
C ALA A 158 4.38 -18.20 -17.57
N ALA A 159 4.35 -18.69 -18.80
CA ALA A 159 3.13 -19.17 -19.43
C ALA A 159 2.57 -20.38 -18.69
N GLY A 160 3.46 -21.15 -18.08
CA GLY A 160 3.09 -22.34 -17.35
C GLY A 160 3.15 -22.04 -15.88
N GLN A 161 3.83 -22.91 -15.14
CA GLN A 161 3.99 -22.74 -13.70
C GLN A 161 5.42 -22.34 -13.33
N GLY A 162 6.20 -21.91 -14.31
CA GLY A 162 7.60 -21.61 -14.08
C GLY A 162 7.81 -20.50 -13.05
N TYR A 163 6.88 -19.56 -12.98
CA TYR A 163 7.01 -18.41 -12.09
C TYR A 163 6.00 -18.45 -10.95
N CYS A 164 5.49 -19.65 -10.71
CA CYS A 164 4.46 -19.88 -9.69
C CYS A 164 4.82 -19.38 -8.28
N GLN A 165 6.06 -19.56 -7.87
CA GLN A 165 6.49 -19.21 -6.51
C GLN A 165 5.60 -19.90 -5.48
N GLY A 166 5.39 -21.20 -5.69
CA GLY A 166 4.57 -22.01 -4.82
C GLY A 166 5.11 -21.99 -3.41
N GLY A 167 4.22 -21.73 -2.45
CA GLY A 167 4.62 -21.58 -1.07
C GLY A 167 4.82 -20.13 -0.65
N PHE A 168 4.59 -19.20 -1.58
CA PHE A 168 4.54 -17.76 -1.27
C PHE A 168 3.63 -17.55 -0.06
N SER A 169 2.53 -18.30 -0.03
CA SER A 169 1.67 -18.40 1.12
C SER A 169 1.36 -19.88 1.29
N ALA A 170 1.01 -20.28 2.51
CA ALA A 170 0.74 -21.68 2.77
C ALA A 170 -0.01 -21.83 4.08
N GLU A 171 -0.66 -22.96 4.24
CA GLU A 171 -1.45 -23.25 5.42
C GLU A 171 -1.74 -24.75 5.49
N PHE A 172 -1.87 -25.27 6.70
CA PHE A 172 -2.42 -26.61 6.94
C PHE A 172 -3.92 -26.55 7.19
N THR A 173 -4.66 -27.55 6.74
CA THR A 173 -6.02 -27.74 7.22
C THR A 173 -5.94 -28.47 8.55
N LYS A 174 -7.09 -28.64 9.20
CA LYS A 174 -7.13 -29.28 10.50
C LYS A 174 -6.78 -30.76 10.41
N THR A 175 -6.81 -31.34 9.22
CA THR A 175 -6.39 -32.74 9.05
C THR A 175 -4.95 -32.85 8.53
N GLY A 176 -4.25 -31.72 8.46
CA GLY A 176 -2.86 -31.72 8.06
C GLY A 176 -2.66 -31.67 6.55
N ARG A 177 -3.74 -31.44 5.81
CA ARG A 177 -3.63 -31.23 4.38
C ARG A 177 -2.87 -29.93 4.10
N VAL A 178 -1.95 -29.99 3.14
CA VAL A 178 -1.14 -28.86 2.72
C VAL A 178 -1.88 -28.04 1.69
N VAL A 179 -1.94 -26.72 1.92
CA VAL A 179 -2.52 -25.78 0.97
C VAL A 179 -1.47 -24.72 0.66
N LEU A 180 -1.19 -24.54 -0.63
CA LEU A 180 -0.15 -23.61 -1.07
C LEU A 180 -0.72 -22.58 -2.02
N GLY A 181 -0.27 -21.34 -1.86
CA GLY A 181 -0.53 -20.29 -2.81
C GLY A 181 0.71 -20.04 -3.66
N GLY A 182 0.48 -19.92 -4.96
CA GLY A 182 1.53 -19.58 -5.90
C GLY A 182 1.03 -18.47 -6.79
N PRO A 183 1.41 -17.23 -6.49
CA PRO A 183 0.82 -16.12 -7.23
C PRO A 183 1.27 -15.94 -8.68
N GLY A 184 2.29 -16.65 -9.16
CA GLY A 184 2.83 -16.39 -10.49
C GLY A 184 2.40 -17.30 -11.62
N SER A 185 1.58 -18.32 -11.33
CA SER A 185 1.21 -19.27 -12.36
C SER A 185 0.39 -18.62 -13.47
N TYR A 186 0.68 -19.02 -14.70
CA TYR A 186 -0.06 -18.62 -15.90
C TYR A 186 -0.07 -17.10 -16.06
N PHE A 187 1.13 -16.55 -16.26
CA PHE A 187 1.31 -15.10 -16.33
C PHE A 187 0.62 -14.40 -15.16
N TRP A 188 0.99 -14.85 -13.97
CA TRP A 188 0.59 -14.28 -12.69
C TRP A 188 -0.93 -14.23 -12.47
N GLN A 189 -1.65 -15.13 -13.13
CA GLN A 189 -3.01 -15.44 -12.71
C GLN A 189 -2.99 -15.89 -11.27
N GLY A 190 -1.97 -16.66 -10.92
CA GLY A 190 -1.84 -17.22 -9.59
C GLY A 190 -2.58 -18.54 -9.45
N GLN A 191 -2.27 -19.30 -8.40
CA GLN A 191 -2.76 -20.67 -8.27
C GLN A 191 -2.86 -21.10 -6.81
N ILE A 192 -3.81 -21.98 -6.53
CA ILE A 192 -3.86 -22.68 -5.26
C ILE A 192 -3.65 -24.16 -5.56
N LEU A 193 -2.75 -24.79 -4.82
CA LEU A 193 -2.44 -26.21 -4.98
C LEU A 193 -2.50 -26.85 -3.61
N SER A 194 -2.97 -28.09 -3.58
CA SER A 194 -3.16 -28.74 -2.31
C SER A 194 -3.04 -30.27 -2.43
N ALA A 195 -2.40 -30.86 -1.44
CA ALA A 195 -2.30 -32.30 -1.34
C ALA A 195 -2.20 -32.69 0.12
N THR A 196 -2.67 -33.89 0.42
CA THR A 196 -2.46 -34.46 1.73
C THR A 196 -1.02 -34.87 1.88
N GLN A 197 -0.58 -35.03 3.12
CA GLN A 197 0.79 -35.44 3.41
C GLN A 197 1.05 -36.85 2.90
N GLU A 198 0.05 -37.71 3.01
CA GLU A 198 0.16 -39.06 2.50
C GLU A 198 0.40 -39.04 0.98
N GLN A 199 -0.40 -38.24 0.27
CA GLN A 199 -0.25 -38.07 -1.17
C GLN A 199 1.13 -37.55 -1.54
N ILE A 200 1.67 -36.63 -0.76
CA ILE A 200 3.00 -36.10 -1.01
C ILE A 200 4.06 -37.18 -0.79
N ALA A 201 3.98 -37.89 0.34
CA ALA A 201 4.97 -38.91 0.66
C ALA A 201 4.90 -40.10 -0.30
N GLU A 202 3.72 -40.29 -0.87
CA GLU A 202 3.45 -41.47 -1.69
C GLU A 202 4.22 -41.42 -3.01
N SER A 203 4.46 -40.21 -3.54
CA SER A 203 5.20 -40.07 -4.79
C SER A 203 6.51 -39.29 -4.63
N TYR A 204 6.97 -39.15 -3.40
CA TYR A 204 8.23 -38.46 -3.18
C TYR A 204 9.39 -39.32 -3.67
N TYR A 205 10.08 -38.82 -4.67
CA TYR A 205 11.19 -39.55 -5.28
C TYR A 205 12.17 -38.51 -5.83
N PRO A 206 13.15 -38.12 -5.00
CA PRO A 206 14.00 -36.97 -5.33
C PRO A 206 14.81 -37.12 -6.61
N GLU A 207 15.04 -38.36 -7.07
CA GLU A 207 15.79 -38.58 -8.30
C GLU A 207 15.10 -37.92 -9.49
N TYR A 208 13.78 -37.77 -9.41
CA TYR A 208 13.03 -37.08 -10.45
C TYR A 208 12.56 -35.74 -9.92
N LEU A 209 13.01 -34.67 -10.58
CA LEU A 209 12.76 -33.32 -10.09
C LEU A 209 11.32 -32.86 -10.26
N ILE A 210 10.62 -33.41 -11.25
CA ILE A 210 9.28 -32.93 -11.54
C ILE A 210 8.24 -33.55 -10.60
N ASN A 211 7.31 -32.71 -10.14
CA ASN A 211 6.24 -33.15 -9.24
C ASN A 211 5.33 -34.18 -9.86
N LEU A 212 5.14 -35.30 -9.17
CA LEU A 212 4.31 -36.39 -9.66
C LEU A 212 3.23 -36.81 -8.65
N VAL A 213 2.90 -35.93 -7.73
CA VAL A 213 1.89 -36.24 -6.72
C VAL A 213 0.55 -36.54 -7.36
N GLN A 214 -0.03 -37.69 -6.99
CA GLN A 214 -1.32 -38.08 -7.50
C GLN A 214 -2.43 -37.69 -6.52
N GLY A 215 -3.54 -37.19 -7.06
CA GLY A 215 -4.68 -36.79 -6.25
C GLY A 215 -4.64 -35.33 -5.84
N GLN A 216 -3.63 -34.62 -6.32
CA GLN A 216 -3.43 -33.22 -6.00
C GLN A 216 -4.57 -32.33 -6.52
N LEU A 217 -4.99 -31.38 -5.67
CA LEU A 217 -5.97 -30.37 -6.06
C LEU A 217 -5.27 -29.10 -6.48
N GLN A 218 -5.71 -28.52 -7.58
CA GLN A 218 -5.18 -27.24 -7.99
C GLN A 218 -6.19 -26.48 -8.83
N THR A 219 -6.12 -25.16 -8.74
CA THR A 219 -6.97 -24.32 -9.57
C THR A 219 -6.46 -24.37 -11.02
N ARG A 220 -7.36 -24.12 -11.96
CA ARG A 220 -7.06 -24.22 -13.38
C ARG A 220 -6.63 -22.91 -14.03
N GLN A 221 -5.87 -23.04 -15.11
CA GLN A 221 -5.52 -21.90 -15.96
C GLN A 221 -6.79 -21.30 -16.54
N ALA A 222 -6.85 -19.97 -16.56
CA ALA A 222 -7.99 -19.24 -17.09
C ALA A 222 -7.52 -18.46 -18.30
N SER A 223 -8.43 -17.73 -18.95
CA SER A 223 -8.04 -16.93 -20.09
C SER A 223 -7.15 -15.76 -19.66
N SER A 224 -6.50 -15.15 -20.63
CA SER A 224 -5.47 -14.16 -20.37
C SER A 224 -6.04 -12.86 -19.76
N ILE A 225 -7.35 -12.69 -19.82
CA ILE A 225 -7.97 -11.54 -19.15
C ILE A 225 -7.77 -11.62 -17.64
N TYR A 226 -7.41 -12.79 -17.13
CA TYR A 226 -7.21 -12.98 -15.70
C TYR A 226 -5.75 -12.89 -15.27
N ASP A 227 -4.86 -12.64 -16.22
CA ASP A 227 -3.45 -12.47 -15.95
C ASP A 227 -3.21 -11.38 -14.90
N ASP A 228 -2.09 -11.49 -14.18
CA ASP A 228 -1.64 -10.50 -13.21
C ASP A 228 -2.64 -10.23 -12.09
N SER A 229 -3.27 -11.29 -11.58
CA SER A 229 -4.22 -11.22 -10.46
C SER A 229 -3.60 -11.59 -9.11
N TYR A 230 -2.58 -12.44 -9.14
CA TYR A 230 -1.88 -12.93 -7.95
C TYR A 230 -2.77 -13.76 -7.00
N LEU A 231 -3.64 -14.59 -7.54
CA LEU A 231 -4.35 -15.55 -6.69
C LEU A 231 -3.31 -16.33 -5.91
N GLY A 232 -3.52 -16.45 -4.60
CA GLY A 232 -2.59 -17.16 -3.73
C GLY A 232 -1.54 -16.27 -3.08
N TYR A 233 -1.71 -14.96 -3.22
CA TYR A 233 -0.84 -14.01 -2.54
C TYR A 233 -0.92 -14.30 -1.05
N SER A 234 -2.11 -14.63 -0.59
CA SER A 234 -2.32 -15.06 0.79
C SER A 234 -3.30 -16.20 0.78
N VAL A 235 -3.25 -17.00 1.82
CA VAL A 235 -4.17 -18.11 1.96
C VAL A 235 -4.51 -18.36 3.44
N ALA A 236 -5.74 -18.80 3.70
CA ALA A 236 -6.13 -19.29 5.02
C ALA A 236 -7.13 -20.39 4.81
N VAL A 237 -7.54 -21.04 5.89
CA VAL A 237 -8.55 -22.08 5.79
C VAL A 237 -9.64 -21.87 6.84
N GLY A 238 -10.85 -22.31 6.51
CA GLY A 238 -11.96 -22.29 7.44
C GLY A 238 -13.13 -23.02 6.82
N GLU A 239 -14.15 -23.32 7.62
CA GLU A 239 -15.33 -24.00 7.11
C GLU A 239 -16.40 -23.02 6.69
N PHE A 240 -16.68 -23.02 5.39
CA PHE A 240 -17.64 -22.10 4.78
C PHE A 240 -18.64 -22.81 3.86
N SER A 241 -18.62 -24.15 3.83
CA SER A 241 -19.45 -24.88 2.87
C SER A 241 -20.47 -25.83 3.50
N GLY A 242 -20.49 -25.89 4.82
CA GLY A 242 -21.52 -26.65 5.51
C GLY A 242 -21.19 -28.11 5.81
N ASP A 243 -19.93 -28.49 5.61
CA ASP A 243 -19.50 -29.86 5.93
C ASP A 243 -18.33 -29.82 6.91
N ASP A 244 -17.52 -30.88 6.95
CA ASP A 244 -16.42 -31.00 7.90
C ASP A 244 -15.06 -30.98 7.20
N THR A 245 -15.02 -30.48 5.98
CA THR A 245 -13.77 -30.37 5.22
C THR A 245 -13.43 -28.91 4.97
N GLU A 246 -12.39 -28.42 5.63
CA GLU A 246 -12.11 -26.99 5.63
C GLU A 246 -11.84 -26.50 4.22
N ASP A 247 -12.26 -25.27 3.98
CA ASP A 247 -12.23 -24.69 2.67
C ASP A 247 -11.06 -23.73 2.58
N PHE A 248 -10.74 -23.31 1.36
CA PHE A 248 -9.53 -22.55 1.10
C PHE A 248 -9.91 -21.08 0.88
N VAL A 249 -9.33 -20.19 1.66
CA VAL A 249 -9.54 -18.77 1.48
C VAL A 249 -8.29 -18.24 0.81
N ALA A 250 -8.43 -17.62 -0.35
CA ALA A 250 -7.26 -17.11 -1.05
C ALA A 250 -7.43 -15.65 -1.42
N GLY A 251 -6.39 -14.87 -1.17
CA GLY A 251 -6.32 -13.51 -1.64
C GLY A 251 -6.01 -13.47 -3.12
N VAL A 252 -6.70 -12.60 -3.84
CA VAL A 252 -6.43 -12.33 -5.24
C VAL A 252 -6.28 -10.82 -5.39
N PRO A 253 -5.22 -10.26 -4.82
CA PRO A 253 -5.20 -8.81 -4.59
C PRO A 253 -5.13 -7.92 -5.83
N LYS A 254 -4.73 -8.43 -6.99
CA LYS A 254 -4.66 -7.58 -8.18
C LYS A 254 -5.79 -7.91 -9.13
N GLY A 255 -6.65 -8.82 -8.73
CA GLY A 255 -7.77 -9.22 -9.57
C GLY A 255 -8.77 -8.11 -9.76
N ASN A 256 -9.57 -8.22 -10.82
CA ASN A 256 -10.64 -7.27 -11.09
C ASN A 256 -10.22 -5.80 -11.19
N LEU A 257 -9.26 -5.52 -12.06
CA LEU A 257 -8.81 -4.15 -12.31
C LEU A 257 -8.02 -3.60 -11.14
N THR A 258 -7.47 -4.51 -10.34
CA THR A 258 -6.62 -4.16 -9.22
C THR A 258 -7.45 -3.68 -8.03
N TYR A 259 -8.77 -3.83 -8.13
CA TYR A 259 -9.63 -3.67 -6.97
C TYR A 259 -9.37 -4.79 -5.98
N GLY A 260 -8.99 -5.94 -6.52
CA GLY A 260 -8.68 -7.10 -5.70
C GLY A 260 -9.94 -7.86 -5.33
N TYR A 261 -9.79 -9.15 -5.09
CA TYR A 261 -10.86 -9.89 -4.45
C TYR A 261 -10.31 -11.05 -3.66
N VAL A 262 -11.18 -11.65 -2.86
CA VAL A 262 -10.82 -12.80 -2.06
C VAL A 262 -11.82 -13.87 -2.44
N THR A 263 -11.33 -15.10 -2.61
CA THR A 263 -12.19 -16.19 -3.02
C THR A 263 -12.13 -17.29 -1.97
N ILE A 264 -13.23 -18.01 -1.82
CA ILE A 264 -13.27 -19.17 -0.96
C ILE A 264 -13.55 -20.37 -1.84
N LEU A 265 -12.66 -21.36 -1.75
CA LEU A 265 -12.72 -22.56 -2.56
C LEU A 265 -13.15 -23.78 -1.76
N ASN A 266 -14.03 -24.57 -2.35
CA ASN A 266 -14.49 -25.79 -1.72
C ASN A 266 -13.30 -26.69 -1.42
N GLY A 267 -13.08 -26.99 -0.14
CA GLY A 267 -11.95 -27.79 0.27
C GLY A 267 -11.95 -29.23 -0.22
N SER A 268 -13.09 -29.67 -0.74
CA SER A 268 -13.17 -31.03 -1.30
C SER A 268 -12.71 -31.12 -2.75
N ASP A 269 -13.05 -30.12 -3.58
CA ASP A 269 -12.78 -30.20 -5.02
C ASP A 269 -12.24 -28.90 -5.59
N ILE A 270 -11.90 -27.99 -4.68
CA ILE A 270 -11.28 -26.68 -4.99
C ILE A 270 -12.15 -25.80 -5.93
N ARG A 271 -13.42 -26.15 -6.06
CA ARG A 271 -14.36 -25.32 -6.82
C ARG A 271 -14.69 -24.02 -6.10
N SER A 272 -14.86 -22.94 -6.85
CA SER A 272 -15.10 -21.61 -6.28
C SER A 272 -16.49 -21.52 -5.63
N LEU A 273 -16.53 -21.06 -4.38
CA LEU A 273 -17.78 -20.96 -3.63
C LEU A 273 -18.23 -19.51 -3.41
N TYR A 274 -17.31 -18.66 -2.99
CA TYR A 274 -17.61 -17.26 -2.70
C TYR A 274 -16.50 -16.35 -3.21
N ASN A 275 -16.89 -15.16 -3.64
CA ASN A 275 -15.95 -14.07 -3.86
C ASN A 275 -16.34 -12.84 -3.07
N PHE A 276 -15.33 -12.07 -2.66
CA PHE A 276 -15.52 -10.81 -1.93
C PHE A 276 -14.61 -9.76 -2.57
N SER A 277 -15.19 -8.62 -2.94
CA SER A 277 -14.46 -7.62 -3.72
C SER A 277 -13.89 -6.49 -2.88
N GLY A 278 -12.69 -6.04 -3.26
CA GLY A 278 -12.10 -4.88 -2.62
C GLY A 278 -12.85 -3.62 -3.01
N GLU A 279 -12.56 -2.52 -2.33
CA GLU A 279 -13.37 -1.32 -2.53
C GLU A 279 -12.61 -0.19 -3.21
N GLN A 280 -11.30 -0.30 -3.28
CA GLN A 280 -10.49 0.75 -3.87
C GLN A 280 -9.37 0.17 -4.71
N MET A 281 -9.16 0.74 -5.90
CA MET A 281 -8.07 0.29 -6.77
C MET A 281 -6.72 0.35 -6.04
N ALA A 282 -5.99 -0.75 -6.18
CA ALA A 282 -4.63 -0.90 -5.70
C ALA A 282 -4.53 -0.78 -4.16
N SER A 283 -5.62 -1.09 -3.46
CA SER A 283 -5.58 -1.07 -2.01
C SER A 283 -4.95 -2.35 -1.43
N TYR A 284 -4.66 -3.30 -2.32
CA TYR A 284 -4.19 -4.65 -1.98
C TYR A 284 -5.12 -5.43 -1.03
N PHE A 285 -6.41 -5.36 -1.34
CA PHE A 285 -7.44 -6.21 -0.71
C PHE A 285 -7.12 -7.67 -1.01
N GLY A 286 -6.78 -8.43 0.02
CA GLY A 286 -6.38 -9.82 -0.14
C GLY A 286 -4.91 -10.00 0.19
N TYR A 287 -4.25 -8.92 0.60
CA TYR A 287 -2.87 -8.97 1.06
C TYR A 287 -2.74 -9.99 2.19
N ALA A 288 -3.74 -10.01 3.07
CA ALA A 288 -3.79 -10.92 4.19
C ALA A 288 -5.21 -11.41 4.32
N VAL A 289 -5.38 -12.67 4.70
CA VAL A 289 -6.69 -13.23 4.96
C VAL A 289 -6.65 -14.11 6.20
N ALA A 290 -7.81 -14.22 6.86
CA ALA A 290 -7.95 -15.09 8.02
C ALA A 290 -9.41 -15.57 8.16
N ALA A 291 -9.60 -16.66 8.90
CA ALA A 291 -10.92 -17.18 9.15
C ALA A 291 -10.99 -17.67 10.58
N THR A 292 -12.01 -17.23 11.29
CA THR A 292 -12.23 -17.62 12.67
C THR A 292 -13.61 -17.12 13.09
N ASP A 293 -14.24 -17.82 14.02
CA ASP A 293 -15.55 -17.44 14.54
C ASP A 293 -15.43 -16.32 15.58
N VAL A 294 -15.85 -15.12 15.22
CA VAL A 294 -15.67 -13.96 16.09
C VAL A 294 -16.90 -13.59 16.90
N ASN A 295 -18.01 -14.34 16.75
CA ASN A 295 -19.24 -14.04 17.51
C ASN A 295 -19.89 -15.26 18.15
N GLY A 296 -19.08 -16.29 18.39
CA GLY A 296 -19.52 -17.45 19.14
C GLY A 296 -20.71 -18.22 18.62
N ASP A 297 -21.01 -18.19 17.32
CA ASP A 297 -22.13 -18.99 16.81
C ASP A 297 -21.65 -20.24 16.08
N GLY A 298 -20.34 -20.49 16.09
CA GLY A 298 -19.79 -21.69 15.49
C GLY A 298 -19.60 -21.65 13.98
N LEU A 299 -19.88 -20.52 13.36
CA LEU A 299 -19.66 -20.34 11.94
C LEU A 299 -18.46 -19.43 11.74
N ASP A 300 -17.43 -19.98 11.10
CA ASP A 300 -16.22 -19.22 10.80
C ASP A 300 -16.54 -17.96 10.03
N ASP A 301 -15.87 -16.88 10.40
CA ASP A 301 -16.08 -15.61 9.72
C ASP A 301 -14.82 -15.22 8.98
N LEU A 302 -14.98 -14.40 7.94
CA LEU A 302 -13.88 -14.00 7.08
C LEU A 302 -13.35 -12.63 7.48
N LEU A 303 -12.04 -12.52 7.55
CA LEU A 303 -11.37 -11.25 7.69
C LEU A 303 -10.39 -11.06 6.52
N VAL A 304 -10.41 -9.87 5.92
CA VAL A 304 -9.53 -9.53 4.81
C VAL A 304 -8.80 -8.22 5.08
N GLY A 305 -7.49 -8.20 4.81
CA GLY A 305 -6.68 -6.99 4.91
C GLY A 305 -6.48 -6.31 3.56
N ALA A 306 -6.56 -4.97 3.58
CA ALA A 306 -6.22 -4.11 2.44
C ALA A 306 -5.33 -2.97 2.97
N PRO A 307 -4.04 -3.23 3.13
CA PRO A 307 -3.18 -2.29 3.87
C PRO A 307 -2.84 -1.00 3.14
N LEU A 308 -3.18 -0.87 1.86
CA LEU A 308 -2.86 0.36 1.12
C LEU A 308 -4.09 1.26 0.94
N LEU A 309 -5.21 0.82 1.52
CA LEU A 309 -6.45 1.59 1.49
C LEU A 309 -6.20 3.04 1.89
N MET A 310 -6.55 3.92 0.96
CA MET A 310 -6.40 5.36 1.14
C MET A 310 -7.74 5.98 1.51
N ASP A 311 -7.87 6.63 2.65
CA ASP A 311 -9.10 7.40 2.91
C ASP A 311 -8.75 8.86 3.15
N ARG A 312 -9.76 9.65 3.50
CA ARG A 312 -9.59 11.09 3.60
C ARG A 312 -9.92 11.57 4.98
N THR A 313 -9.10 12.48 5.50
CA THR A 313 -9.36 13.10 6.79
C THR A 313 -10.51 14.06 6.65
N PRO A 314 -11.18 14.40 7.77
CA PRO A 314 -12.29 15.34 7.69
C PRO A 314 -11.87 16.70 7.12
N ASP A 315 -10.61 17.10 7.29
CA ASP A 315 -10.14 18.36 6.68
C ASP A 315 -9.56 18.14 5.28
N GLY A 316 -9.82 16.97 4.69
CA GLY A 316 -9.70 16.81 3.26
C GLY A 316 -8.41 16.20 2.74
N ARG A 317 -7.57 15.69 3.63
CA ARG A 317 -6.26 15.21 3.24
C ARG A 317 -6.29 13.69 2.98
N PRO A 318 -5.82 13.25 1.81
CA PRO A 318 -5.76 11.80 1.61
C PRO A 318 -4.65 11.19 2.46
N GLN A 319 -4.84 9.95 2.91
CA GLN A 319 -3.81 9.27 3.64
C GLN A 319 -3.94 7.76 3.49
N GLU A 320 -2.81 7.14 3.22
CA GLU A 320 -2.69 5.69 3.24
C GLU A 320 -2.80 5.24 4.67
N VAL A 321 -3.75 4.36 4.98
CA VAL A 321 -3.90 3.88 6.35
C VAL A 321 -4.16 2.37 6.44
N GLY A 322 -4.78 1.79 5.43
CA GLY A 322 -5.10 0.36 5.45
C GLY A 322 -6.46 0.14 6.11
N ARG A 323 -7.11 -0.97 5.75
CA ARG A 323 -8.45 -1.28 6.23
C ARG A 323 -8.58 -2.80 6.31
N VAL A 324 -9.30 -3.27 7.32
CA VAL A 324 -9.66 -4.68 7.44
C VAL A 324 -11.18 -4.81 7.31
N TYR A 325 -11.60 -5.86 6.64
CA TYR A 325 -13.00 -6.11 6.37
C TYR A 325 -13.41 -7.42 7.03
N VAL A 326 -14.55 -7.43 7.70
CA VAL A 326 -15.04 -8.62 8.38
C VAL A 326 -16.41 -9.03 7.83
N TYR A 327 -16.51 -10.30 7.46
CA TYR A 327 -17.74 -10.85 6.89
C TYR A 327 -18.23 -11.96 7.81
N LEU A 328 -19.39 -11.79 8.42
CA LEU A 328 -19.94 -12.81 9.32
C LEU A 328 -20.69 -13.87 8.54
N GLN A 329 -20.32 -15.13 8.75
CA GLN A 329 -21.05 -16.24 8.14
C GLN A 329 -22.41 -16.40 8.81
N HIS A 330 -23.38 -16.89 8.06
CA HIS A 330 -24.68 -17.22 8.63
C HIS A 330 -25.09 -18.59 8.12
N PRO A 331 -26.15 -19.18 8.68
CA PRO A 331 -26.46 -20.57 8.29
C PRO A 331 -26.75 -20.77 6.80
N ALA A 332 -27.20 -19.75 6.07
CA ALA A 332 -27.48 -19.89 4.64
C ALA A 332 -26.34 -19.41 3.75
N GLY A 333 -25.21 -19.02 4.33
CA GLY A 333 -24.06 -18.62 3.53
C GLY A 333 -23.31 -17.44 4.12
N ILE A 334 -22.88 -16.55 3.25
CA ILE A 334 -22.12 -15.40 3.70
C ILE A 334 -22.20 -14.31 2.65
N GLU A 335 -22.45 -13.08 3.12
CA GLU A 335 -22.76 -11.95 2.24
C GLU A 335 -21.50 -11.31 1.69
N PRO A 336 -21.59 -10.75 0.47
CA PRO A 336 -20.42 -10.18 -0.23
C PRO A 336 -19.96 -8.83 0.31
N THR A 337 -20.81 -8.16 1.08
CA THR A 337 -20.47 -6.85 1.62
C THR A 337 -20.11 -7.02 3.09
N PRO A 338 -19.10 -6.28 3.56
CA PRO A 338 -18.61 -6.56 4.90
C PRO A 338 -19.62 -6.22 5.96
N THR A 339 -19.60 -6.99 7.04
CA THR A 339 -20.38 -6.71 8.24
C THR A 339 -19.78 -5.51 8.96
N LEU A 340 -18.47 -5.46 8.93
CA LEU A 340 -17.71 -4.47 9.67
C LEU A 340 -16.41 -4.16 8.95
N THR A 341 -16.00 -2.91 9.03
CA THR A 341 -14.68 -2.52 8.58
C THR A 341 -13.95 -1.88 9.75
N LEU A 342 -12.64 -2.05 9.74
CA LEU A 342 -11.74 -1.45 10.71
C LEU A 342 -10.69 -0.71 9.90
N THR A 343 -10.43 0.53 10.26
CA THR A 343 -9.53 1.38 9.48
C THR A 343 -8.36 1.84 10.36
N GLY A 344 -7.16 1.80 9.79
CA GLY A 344 -5.99 2.25 10.50
C GLY A 344 -6.02 3.75 10.69
N HIS A 345 -5.27 4.24 11.69
CA HIS A 345 -5.17 5.66 11.97
C HIS A 345 -3.79 6.26 11.72
N ASP A 346 -2.80 5.42 11.40
CA ASP A 346 -1.42 5.89 11.21
C ASP A 346 -1.14 6.00 9.72
N GLU A 347 -0.72 7.17 9.27
CA GLU A 347 -0.46 7.33 7.84
C GLU A 347 0.69 6.39 7.45
N PHE A 348 0.51 5.68 6.34
CA PHE A 348 1.48 4.68 5.85
C PHE A 348 1.71 3.51 6.83
N GLY A 349 0.78 3.31 7.76
CA GLY A 349 0.95 2.30 8.78
C GLY A 349 0.77 0.87 8.31
N ARG A 350 0.06 0.70 7.21
CA ARG A 350 -0.19 -0.62 6.59
C ARG A 350 -0.99 -1.56 7.52
N PHE A 351 -1.95 -0.96 8.22
CA PHE A 351 -2.97 -1.68 8.97
C PHE A 351 -3.63 -2.75 8.11
N GLY A 352 -3.66 -3.98 8.61
CA GLY A 352 -4.22 -5.09 7.87
C GLY A 352 -3.21 -5.88 7.06
N SER A 353 -1.93 -5.62 7.29
CA SER A 353 -0.86 -6.33 6.60
C SER A 353 -0.78 -7.78 7.06
N SER A 354 -1.24 -8.01 8.28
CA SER A 354 -1.21 -9.34 8.88
C SER A 354 -2.42 -9.49 9.78
N LEU A 355 -2.93 -10.71 9.82
CA LEU A 355 -4.13 -11.05 10.58
C LEU A 355 -3.90 -12.37 11.23
N THR A 356 -4.33 -12.55 12.47
CA THR A 356 -4.36 -13.89 13.03
C THR A 356 -5.51 -14.06 14.02
N PRO A 357 -6.17 -15.22 13.99
CA PRO A 357 -7.04 -15.60 15.09
C PRO A 357 -6.24 -15.73 16.37
N LEU A 358 -6.79 -15.29 17.50
CA LEU A 358 -6.11 -15.39 18.78
C LEU A 358 -6.69 -16.52 19.62
N GLY A 359 -7.71 -17.17 19.10
CA GLY A 359 -8.56 -18.01 19.93
C GLY A 359 -9.25 -17.04 20.89
N ASP A 360 -9.65 -17.54 22.05
CA ASP A 360 -10.34 -16.71 23.03
C ASP A 360 -9.35 -16.28 24.12
N LEU A 361 -8.80 -15.09 23.92
CA LEU A 361 -7.74 -14.55 24.74
C LEU A 361 -8.15 -14.40 26.21
N ASP A 362 -9.36 -13.89 26.44
CA ASP A 362 -9.83 -13.61 27.80
C ASP A 362 -10.84 -14.65 28.26
N GLN A 363 -11.04 -15.68 27.45
CA GLN A 363 -11.92 -16.79 27.81
C GLN A 363 -13.30 -16.32 28.19
N ASP A 364 -13.87 -15.40 27.40
CA ASP A 364 -15.20 -14.87 27.68
C ASP A 364 -16.25 -15.50 26.76
N GLY A 365 -15.83 -16.45 25.93
CA GLY A 365 -16.75 -17.18 25.07
C GLY A 365 -16.72 -16.73 23.62
N TYR A 366 -15.94 -15.70 23.33
CA TYR A 366 -15.82 -15.19 21.95
C TYR A 366 -14.38 -15.07 21.50
N ASN A 367 -14.07 -15.62 20.33
CA ASN A 367 -12.70 -15.55 19.83
C ASN A 367 -12.33 -14.15 19.38
N ASP A 368 -11.05 -13.86 19.52
CA ASP A 368 -10.52 -12.54 19.25
C ASP A 368 -9.50 -12.60 18.11
N VAL A 369 -9.02 -11.43 17.69
CA VAL A 369 -8.22 -11.32 16.48
C VAL A 369 -7.12 -10.29 16.70
N ALA A 370 -5.97 -10.55 16.11
CA ALA A 370 -4.89 -9.56 16.08
C ALA A 370 -4.73 -9.07 14.66
N ILE A 371 -4.47 -7.78 14.53
CA ILE A 371 -4.21 -7.15 13.25
C ILE A 371 -2.93 -6.36 13.35
N GLY A 372 -2.00 -6.61 12.42
CA GLY A 372 -0.75 -5.90 12.40
C GLY A 372 -0.78 -4.66 11.52
N ALA A 373 -0.08 -3.63 11.98
CA ALA A 373 0.18 -2.42 11.19
C ALA A 373 1.70 -2.18 11.30
N PRO A 374 2.49 -2.84 10.44
CA PRO A 374 3.95 -2.94 10.55
C PRO A 374 4.70 -1.60 10.52
N PHE A 375 4.05 -0.53 10.08
CA PHE A 375 4.70 0.78 10.09
C PHE A 375 3.92 1.78 10.92
N GLY A 376 3.02 1.28 11.76
CA GLY A 376 2.28 2.15 12.66
C GLY A 376 3.11 2.55 13.86
N GLY A 377 2.52 3.37 14.74
CA GLY A 377 3.21 3.80 15.94
C GLY A 377 3.90 5.13 15.68
N GLU A 378 4.33 5.78 16.76
CA GLU A 378 4.83 7.15 16.67
C GLU A 378 6.20 7.24 16.02
N THR A 379 6.93 6.14 16.04
CA THR A 379 8.24 6.06 15.42
C THR A 379 8.25 5.05 14.26
N GLN A 380 7.06 4.72 13.76
CA GLN A 380 6.87 3.82 12.62
C GLN A 380 7.52 2.47 12.78
N GLN A 381 7.64 1.97 14.02
CA GLN A 381 8.23 0.65 14.25
C GLN A 381 7.25 -0.49 14.05
N GLY A 382 5.96 -0.18 14.03
CA GLY A 382 4.93 -1.21 13.89
C GLY A 382 4.12 -1.34 15.17
N VAL A 383 2.89 -1.83 15.00
CA VAL A 383 1.92 -1.95 16.07
C VAL A 383 1.04 -3.17 15.82
N VAL A 384 0.65 -3.85 16.89
CA VAL A 384 -0.33 -4.92 16.76
C VAL A 384 -1.55 -4.59 17.59
N PHE A 385 -2.71 -4.71 16.97
CA PHE A 385 -3.98 -4.42 17.63
C PHE A 385 -4.72 -5.70 17.93
N VAL A 386 -5.17 -5.85 19.17
CA VAL A 386 -6.08 -6.93 19.54
C VAL A 386 -7.52 -6.43 19.51
N PHE A 387 -8.36 -7.12 18.77
CA PHE A 387 -9.78 -6.76 18.70
C PHE A 387 -10.62 -7.88 19.32
N PRO A 388 -11.51 -7.54 20.27
CA PRO A 388 -12.31 -8.54 20.96
C PRO A 388 -13.49 -9.05 20.16
N GLY A 389 -13.69 -10.37 20.13
CA GLY A 389 -14.92 -10.92 19.61
C GLY A 389 -16.06 -10.65 20.57
N GLY A 390 -17.29 -10.75 20.07
CA GLY A 390 -18.46 -10.59 20.92
C GLY A 390 -19.71 -11.04 20.20
N PRO A 391 -20.86 -10.99 20.88
CA PRO A 391 -22.10 -11.54 20.32
C PRO A 391 -22.54 -10.80 19.06
N GLY A 392 -22.13 -9.54 18.94
CA GLY A 392 -22.45 -8.72 17.79
C GLY A 392 -21.35 -8.72 16.75
N GLY A 393 -20.32 -9.52 16.99
CA GLY A 393 -19.19 -9.59 16.10
C GLY A 393 -17.94 -9.02 16.73
N LEU A 394 -16.99 -8.70 15.87
CA LEU A 394 -15.74 -8.13 16.31
C LEU A 394 -15.98 -6.70 16.80
N GLY A 395 -15.34 -6.34 17.89
CA GLY A 395 -15.46 -5.00 18.43
C GLY A 395 -14.71 -4.03 17.55
N SER A 396 -15.14 -2.78 17.55
CA SER A 396 -14.59 -1.77 16.67
C SER A 396 -13.42 -1.03 17.30
N LYS A 397 -13.17 -1.28 18.59
CA LYS A 397 -12.05 -0.68 19.28
C LYS A 397 -11.15 -1.76 19.84
N PRO A 398 -9.84 -1.59 19.72
CA PRO A 398 -8.96 -2.66 20.22
C PRO A 398 -9.06 -2.79 21.73
N SER A 399 -8.94 -4.01 22.25
CA SER A 399 -8.89 -4.24 23.68
C SER A 399 -7.46 -4.18 24.17
N GLN A 400 -6.51 -4.19 23.25
CA GLN A 400 -5.10 -4.08 23.57
C GLN A 400 -4.31 -3.63 22.35
N VAL A 401 -3.22 -2.92 22.63
CA VAL A 401 -2.35 -2.40 21.59
C VAL A 401 -0.93 -2.75 21.97
N LEU A 402 -0.27 -3.58 21.16
CA LEU A 402 1.11 -4.00 21.42
C LEU A 402 2.10 -3.25 20.53
N GLN A 403 3.19 -2.81 21.16
CA GLN A 403 4.25 -2.12 20.45
C GLN A 403 5.59 -2.64 20.93
N PRO A 404 6.63 -2.51 20.09
CA PRO A 404 7.95 -2.92 20.57
C PRO A 404 8.40 -2.10 21.78
N LEU A 405 9.12 -2.73 22.70
CA LEU A 405 9.62 -2.01 23.85
C LEU A 405 11.03 -1.49 23.62
N TRP A 406 11.63 -1.87 22.48
CA TRP A 406 12.97 -1.40 22.15
C TRP A 406 12.82 -0.15 21.30
N ALA A 407 13.89 0.64 21.23
CA ALA A 407 13.81 1.89 20.49
C ALA A 407 13.90 1.66 18.99
N ALA A 408 13.50 2.66 18.23
CA ALA A 408 13.62 2.64 16.79
C ALA A 408 15.11 2.69 16.43
N SER A 409 15.47 2.20 15.25
CA SER A 409 16.86 2.19 14.81
C SER A 409 16.96 2.69 13.37
N HIS A 410 18.12 2.49 12.75
CA HIS A 410 18.40 3.02 11.42
C HIS A 410 17.44 2.48 10.36
N THR A 411 16.84 1.33 10.64
CA THR A 411 16.02 0.63 9.66
C THR A 411 14.69 0.16 10.27
N PRO A 412 13.64 0.01 9.37
CA PRO A 412 12.35 -0.33 10.00
C PRO A 412 12.29 -1.69 10.70
N ASP A 413 11.64 -1.72 11.85
CA ASP A 413 11.41 -2.94 12.63
C ASP A 413 10.50 -3.96 11.96
N PHE A 414 9.45 -3.46 11.29
CA PHE A 414 8.42 -4.31 10.71
C PHE A 414 7.69 -5.09 11.80
N PHE A 415 7.59 -4.52 13.00
CA PHE A 415 6.91 -5.21 14.08
C PHE A 415 5.45 -5.42 13.69
N GLY A 416 4.99 -6.65 13.76
CA GLY A 416 3.60 -6.95 13.49
C GLY A 416 3.37 -7.43 12.09
N SER A 417 4.45 -7.56 11.30
CA SER A 417 4.32 -8.04 9.94
C SER A 417 4.09 -9.53 9.89
N ALA A 418 4.35 -10.22 11.00
CA ALA A 418 4.01 -11.64 11.10
C ALA A 418 3.37 -11.90 12.43
N LEU A 419 2.29 -12.68 12.43
CA LEU A 419 1.52 -12.96 13.62
C LEU A 419 1.12 -14.42 13.66
N ARG A 420 1.06 -14.99 14.85
CA ARG A 420 0.47 -16.30 15.03
C ARG A 420 -0.06 -16.42 16.45
N GLY A 421 -1.36 -16.62 16.55
CA GLY A 421 -2.01 -16.77 17.84
C GLY A 421 -2.82 -18.04 17.84
N GLY A 422 -3.57 -18.26 18.91
CA GLY A 422 -4.59 -19.29 18.94
C GLY A 422 -4.15 -20.58 19.60
N ARG A 423 -2.93 -20.59 20.11
CA ARG A 423 -2.40 -21.76 20.78
C ARG A 423 -1.83 -21.36 22.12
N ASP A 424 -1.84 -22.33 23.03
CA ASP A 424 -1.41 -22.15 24.40
C ASP A 424 -0.01 -22.73 24.57
N LEU A 425 0.95 -21.83 24.74
CA LEU A 425 2.37 -22.18 24.76
C LEU A 425 2.83 -22.75 26.10
N ASP A 426 2.17 -22.35 27.17
CA ASP A 426 2.64 -22.64 28.52
C ASP A 426 1.61 -23.43 29.33
N GLY A 427 0.52 -23.83 28.69
CA GLY A 427 -0.45 -24.73 29.30
C GLY A 427 -1.30 -24.18 30.43
N ASN A 428 -1.47 -22.86 30.49
CA ASN A 428 -2.30 -22.25 31.53
C ASN A 428 -3.75 -22.07 31.08
N GLY A 429 -4.06 -22.56 29.87
CA GLY A 429 -5.42 -22.51 29.38
C GLY A 429 -5.79 -21.22 28.66
N TYR A 430 -4.85 -20.29 28.59
CA TYR A 430 -5.06 -19.03 27.90
C TYR A 430 -4.15 -18.98 26.68
N PRO A 431 -4.71 -18.68 25.51
CA PRO A 431 -3.90 -18.72 24.28
C PRO A 431 -2.93 -17.57 24.21
N ASP A 432 -1.85 -17.80 23.50
CA ASP A 432 -0.72 -16.88 23.48
C ASP A 432 -0.48 -16.37 22.07
N LEU A 433 0.38 -15.37 21.93
CA LEU A 433 0.57 -14.71 20.65
C LEU A 433 2.04 -14.55 20.33
N ILE A 434 2.40 -14.92 19.11
CA ILE A 434 3.73 -14.66 18.58
C ILE A 434 3.69 -13.51 17.57
N VAL A 435 4.55 -12.53 17.78
CA VAL A 435 4.70 -11.41 16.86
C VAL A 435 6.11 -11.35 16.31
N GLY A 436 6.24 -11.36 14.99
CA GLY A 436 7.54 -11.21 14.36
C GLY A 436 7.86 -9.74 14.16
N SER A 437 9.15 -9.41 14.24
CA SER A 437 9.64 -8.08 13.89
C SER A 437 10.92 -8.24 13.09
N PHE A 438 10.79 -8.72 11.85
CA PHE A 438 11.92 -9.24 11.10
C PHE A 438 12.95 -8.19 10.69
N GLY A 439 12.53 -6.94 10.63
CA GLY A 439 13.45 -5.87 10.28
C GLY A 439 14.56 -5.72 11.27
N VAL A 440 14.33 -6.16 12.51
CA VAL A 440 15.38 -6.17 13.52
C VAL A 440 15.69 -7.59 13.99
N ASP A 441 15.22 -8.58 13.24
CA ASP A 441 15.58 -9.97 13.48
C ASP A 441 15.15 -10.45 14.87
N LYS A 442 13.92 -10.11 15.24
CA LYS A 442 13.38 -10.53 16.53
C LYS A 442 12.02 -11.14 16.33
N ALA A 443 11.64 -12.00 17.27
CA ALA A 443 10.23 -12.39 17.42
C ALA A 443 9.90 -12.24 18.89
N VAL A 444 8.67 -11.85 19.17
CA VAL A 444 8.21 -11.57 20.53
C VAL A 444 7.04 -12.49 20.89
N VAL A 445 7.16 -13.14 22.04
CA VAL A 445 6.09 -14.01 22.50
C VAL A 445 5.34 -13.36 23.66
N TYR A 446 4.05 -13.19 23.45
CA TYR A 446 3.15 -12.65 24.46
C TYR A 446 2.32 -13.77 25.05
N ARG A 447 2.20 -13.77 26.37
CA ARG A 447 1.44 -14.80 27.05
C ARG A 447 0.20 -14.20 27.69
N GLY A 448 -0.90 -14.91 27.56
CA GLY A 448 -2.15 -14.50 28.18
C GLY A 448 -2.09 -14.68 29.67
N ARG A 449 -2.39 -13.63 30.42
CA ARG A 449 -2.52 -13.76 31.87
C ARG A 449 -3.96 -14.17 32.23
N PRO A 450 -4.12 -14.99 33.26
CA PRO A 450 -5.46 -15.42 33.64
C PRO A 450 -6.30 -14.25 34.14
N VAL A 451 -7.61 -14.35 34.01
CA VAL A 451 -8.52 -13.27 34.35
C VAL A 451 -9.62 -13.70 35.32
N VAL A 452 -10.21 -12.69 35.95
CA VAL A 452 -11.32 -12.80 36.92
C VAL A 452 -10.90 -13.50 38.20
N ASN B 5 -31.55 26.13 27.41
CA ASN B 5 -30.34 26.31 26.62
C ASN B 5 -29.12 25.72 27.33
N ARG B 6 -27.96 25.85 26.69
CA ARG B 6 -26.74 25.20 27.16
C ARG B 6 -25.75 26.19 27.75
N CYS B 7 -26.14 27.46 27.83
CA CYS B 7 -25.35 28.48 28.51
C CYS B 7 -25.47 28.30 30.02
N LEU B 8 -26.71 28.10 30.47
CA LEU B 8 -26.99 27.87 31.87
C LEU B 8 -26.65 26.42 32.26
N LYS B 9 -26.95 25.50 31.36
CA LYS B 9 -26.71 24.08 31.62
C LYS B 9 -25.22 23.73 31.57
N ALA B 10 -24.39 24.72 31.24
CA ALA B 10 -22.93 24.55 31.30
C ALA B 10 -22.43 24.67 32.75
N ASN B 11 -23.15 25.42 33.57
CA ASN B 11 -22.70 25.79 34.91
C ASN B 11 -21.35 26.47 34.84
N ALA B 12 -21.26 27.53 34.04
CA ALA B 12 -20.02 28.28 33.90
C ALA B 12 -19.66 28.93 35.24
N LYS B 13 -18.50 28.55 35.77
CA LYS B 13 -18.04 29.05 37.05
C LYS B 13 -17.26 30.35 36.88
N SER B 14 -16.84 30.63 35.65
CA SER B 14 -16.11 31.86 35.33
C SER B 14 -16.54 32.39 33.97
N CYS B 15 -16.12 33.60 33.64
CA CYS B 15 -16.34 34.13 32.31
C CYS B 15 -15.67 33.22 31.28
N GLY B 16 -14.49 32.72 31.64
CA GLY B 16 -13.74 31.83 30.78
C GLY B 16 -14.57 30.67 30.26
N GLU B 17 -15.05 29.82 31.18
CA GLU B 17 -15.86 28.66 30.82
C GLU B 17 -17.05 29.07 29.95
N CYS B 18 -17.66 30.21 30.29
CA CYS B 18 -18.84 30.70 29.59
C CYS B 18 -18.59 30.91 28.11
N ILE B 19 -17.37 31.32 27.77
CA ILE B 19 -16.98 31.53 26.38
C ILE B 19 -16.91 30.21 25.63
N GLN B 20 -16.22 29.24 26.22
CA GLN B 20 -15.97 27.98 25.55
C GLN B 20 -17.26 27.17 25.41
N ALA B 21 -18.27 27.53 26.20
CA ALA B 21 -19.55 26.85 26.15
C ALA B 21 -20.59 27.69 25.42
N GLY B 22 -20.67 27.52 24.11
CA GLY B 22 -21.70 28.15 23.31
C GLY B 22 -21.27 29.46 22.66
N PRO B 23 -21.47 29.61 21.34
CA PRO B 23 -21.19 30.90 20.70
C PRO B 23 -22.25 31.94 21.00
N ASN B 24 -23.39 31.46 21.50
CA ASN B 24 -24.55 32.32 21.76
C ASN B 24 -24.61 32.80 23.20
N CYS B 25 -23.60 32.44 23.98
CA CYS B 25 -23.55 32.77 25.40
C CYS B 25 -22.89 34.10 25.67
N GLY B 26 -23.30 34.75 26.75
CA GLY B 26 -22.68 35.97 27.25
C GLY B 26 -22.50 35.87 28.74
N TRP B 27 -21.64 36.70 29.32
CA TRP B 27 -21.35 36.64 30.75
C TRP B 27 -21.56 37.98 31.46
N CYS B 28 -22.31 37.92 32.55
CA CYS B 28 -22.54 39.06 33.43
C CYS B 28 -21.52 39.05 34.56
N THR B 29 -21.12 40.23 35.02
CA THR B 29 -20.11 40.36 36.07
C THR B 29 -20.52 41.33 37.17
N ASN B 30 -21.70 41.94 37.02
CA ASN B 30 -22.12 43.03 37.90
C ASN B 30 -22.36 42.64 39.36
N SER B 31 -22.82 41.42 39.58
CA SER B 31 -23.25 40.96 40.91
C SER B 31 -24.52 41.68 41.35
N THR B 32 -25.21 42.29 40.40
CA THR B 32 -26.53 42.87 40.63
C THR B 32 -27.58 42.01 39.92
N PHE B 33 -27.22 40.75 39.70
CA PHE B 33 -28.04 39.83 38.93
C PHE B 33 -28.86 38.93 39.85
N LEU B 34 -29.57 39.58 40.79
CA LEU B 34 -30.37 38.90 41.82
C LEU B 34 -29.53 37.97 42.68
N THR B 40 -24.11 33.30 40.79
CA THR B 40 -23.62 31.95 40.60
C THR B 40 -23.35 31.68 39.12
N SER B 41 -23.64 30.47 38.65
CA SER B 41 -23.42 30.11 37.25
C SER B 41 -24.47 30.69 36.33
N ALA B 42 -25.48 31.35 36.91
CA ALA B 42 -26.59 31.91 36.15
C ALA B 42 -26.19 33.17 35.39
N ARG B 43 -24.96 33.64 35.61
CA ARG B 43 -24.45 34.81 34.90
C ARG B 43 -24.13 34.45 33.45
N CYS B 44 -24.04 33.14 33.18
CA CYS B 44 -23.83 32.65 31.83
C CYS B 44 -25.16 32.25 31.18
N ASP B 45 -25.68 33.15 30.34
CA ASP B 45 -26.95 32.93 29.67
C ASP B 45 -26.86 33.45 28.24
N ASP B 46 -27.91 33.22 27.45
CA ASP B 46 -27.97 33.74 26.08
C ASP B 46 -27.86 35.24 26.05
N LEU B 47 -27.35 35.78 24.94
CA LEU B 47 -27.19 37.22 24.78
C LEU B 47 -28.52 37.94 24.91
N GLU B 48 -29.61 37.24 24.62
CA GLU B 48 -30.95 37.78 24.80
C GLU B 48 -31.50 37.45 26.18
N ALA B 49 -31.26 36.22 26.62
CA ALA B 49 -31.76 35.77 27.92
C ALA B 49 -31.12 36.57 29.07
N LEU B 50 -30.01 37.24 28.78
CA LEU B 50 -29.36 38.10 29.76
C LEU B 50 -30.01 39.48 29.79
N LYS B 51 -30.26 40.04 28.61
CA LYS B 51 -30.90 41.34 28.51
C LYS B 51 -32.32 41.28 29.04
N LYS B 52 -32.98 40.14 28.84
CA LYS B 52 -34.34 39.94 29.34
C LYS B 52 -34.34 39.74 30.87
N LYS B 53 -33.17 39.53 31.44
CA LYS B 53 -33.03 39.33 32.89
C LYS B 53 -32.31 40.49 33.57
N GLY B 54 -32.16 41.61 32.84
CA GLY B 54 -31.66 42.84 33.42
C GLY B 54 -30.16 42.93 33.57
N CYS B 55 -29.43 42.69 32.48
CA CYS B 55 -27.98 42.78 32.47
C CYS B 55 -27.52 43.86 31.50
N PRO B 56 -26.98 44.98 32.02
CA PRO B 56 -26.54 46.06 31.12
C PRO B 56 -25.57 45.57 30.03
N PRO B 57 -25.80 45.97 28.77
CA PRO B 57 -24.87 45.60 27.69
C PRO B 57 -23.41 45.99 27.98
N ASP B 58 -23.19 46.94 28.89
CA ASP B 58 -21.84 47.31 29.32
C ASP B 58 -21.28 46.30 30.32
N ASP B 59 -22.06 45.28 30.63
CA ASP B 59 -21.69 44.29 31.64
C ASP B 59 -21.67 42.89 31.04
N ILE B 60 -22.47 42.69 29.98
CA ILE B 60 -22.50 41.42 29.28
C ILE B 60 -21.22 41.25 28.46
N GLU B 61 -20.24 40.53 29.01
CA GLU B 61 -18.99 40.31 28.30
C GLU B 61 -19.16 39.22 27.25
N ASN B 62 -18.95 39.60 25.99
CA ASN B 62 -19.17 38.73 24.84
C ASN B 62 -18.08 38.91 23.77
N PRO B 63 -16.93 38.21 23.95
CA PRO B 63 -15.86 38.23 22.94
C PRO B 63 -16.29 37.58 21.64
N ARG B 64 -15.95 38.20 20.53
CA ARG B 64 -16.36 37.68 19.23
C ARG B 64 -15.16 37.47 18.33
N GLY B 65 -15.26 36.50 17.42
CA GLY B 65 -14.20 36.20 16.48
C GLY B 65 -14.06 37.30 15.44
N SER B 66 -12.96 37.27 14.70
CA SER B 66 -12.69 38.30 13.72
C SER B 66 -11.82 37.80 12.58
N LYS B 67 -11.74 38.63 11.54
CA LYS B 67 -10.95 38.36 10.35
C LYS B 67 -10.14 39.61 10.04
N ASP B 68 -8.84 39.46 9.89
CA ASP B 68 -7.99 40.58 9.49
C ASP B 68 -7.09 40.15 8.33
N ILE B 69 -7.35 40.72 7.16
CA ILE B 69 -6.53 40.46 5.98
C ILE B 69 -5.18 41.14 6.18
N LYS B 70 -4.10 40.44 5.85
CA LYS B 70 -2.75 40.92 6.14
C LYS B 70 -1.90 41.13 4.89
N LYS B 71 -2.11 40.28 3.88
CA LYS B 71 -1.49 40.44 2.57
C LYS B 71 -2.55 40.25 1.51
N ASN B 72 -2.62 41.17 0.55
CA ASN B 72 -3.74 41.16 -0.38
C ASN B 72 -3.41 41.81 -1.73
N LYS B 73 -2.40 41.27 -2.40
CA LYS B 73 -2.11 41.65 -3.78
C LYS B 73 -3.23 41.22 -4.70
N ASN B 74 -3.68 42.14 -5.55
CA ASN B 74 -4.74 41.85 -6.50
C ASN B 74 -4.27 40.85 -7.54
N VAL B 75 -5.21 40.09 -8.10
CA VAL B 75 -4.88 39.18 -9.19
C VAL B 75 -4.46 39.98 -10.42
N THR B 76 -3.55 39.42 -11.20
CA THR B 76 -2.89 40.16 -12.28
C THR B 76 -3.82 40.47 -13.45
N ASN B 77 -3.57 41.61 -14.09
CA ASN B 77 -4.09 41.88 -15.43
C ASN B 77 -3.35 43.04 -16.10
N LEU B 86 6.18 39.50 -17.41
CA LEU B 86 6.18 39.17 -15.98
C LEU B 86 6.76 37.78 -15.70
N LYS B 87 7.69 37.73 -14.76
CA LYS B 87 8.19 36.46 -14.27
C LYS B 87 7.06 35.75 -13.52
N PRO B 88 7.08 34.40 -13.48
CA PRO B 88 5.97 33.69 -12.82
C PRO B 88 5.72 34.12 -11.37
N GLU B 89 6.78 34.36 -10.62
CA GLU B 89 6.64 34.71 -9.22
C GLU B 89 6.05 36.13 -9.05
N ASP B 90 6.11 36.92 -10.11
CA ASP B 90 5.52 38.26 -10.12
C ASP B 90 4.07 38.25 -10.60
N ILE B 91 3.55 37.04 -10.84
CA ILE B 91 2.18 36.86 -11.28
C ILE B 91 1.33 36.39 -10.10
N THR B 92 0.18 37.02 -9.91
CA THR B 92 -0.71 36.67 -8.79
C THR B 92 -2.02 36.05 -9.32
N GLN B 93 -2.31 34.82 -8.89
CA GLN B 93 -3.50 34.11 -9.31
C GLN B 93 -4.45 33.82 -8.15
N ILE B 94 -3.95 33.97 -6.92
CA ILE B 94 -4.80 33.81 -5.76
C ILE B 94 -4.63 34.97 -4.77
N GLN B 95 -5.76 35.45 -4.25
CA GLN B 95 -5.75 36.47 -3.21
C GLN B 95 -6.91 36.26 -2.24
N PRO B 96 -6.75 36.65 -0.96
CA PRO B 96 -5.54 37.28 -0.41
C PRO B 96 -4.45 36.23 -0.24
N GLN B 97 -3.30 36.63 0.31
CA GLN B 97 -2.19 35.70 0.48
C GLN B 97 -1.90 35.42 1.95
N GLN B 98 -2.42 36.26 2.83
CA GLN B 98 -2.26 36.05 4.24
C GLN B 98 -3.37 36.75 5.01
N LEU B 99 -3.99 36.03 5.94
CA LEU B 99 -4.97 36.64 6.83
C LEU B 99 -4.93 35.98 8.18
N VAL B 100 -5.59 36.63 9.14
CA VAL B 100 -5.69 36.17 10.52
C VAL B 100 -7.15 35.99 10.89
N LEU B 101 -7.48 34.84 11.43
CA LEU B 101 -8.83 34.58 11.95
C LEU B 101 -8.77 34.34 13.45
N ARG B 102 -9.51 35.15 14.19
CA ARG B 102 -9.70 34.95 15.62
C ARG B 102 -11.00 34.20 15.78
N LEU B 103 -10.96 33.09 16.50
CA LEU B 103 -12.08 32.17 16.51
C LEU B 103 -12.72 32.04 17.90
N ARG B 104 -13.98 32.44 17.96
CA ARG B 104 -14.82 32.16 19.10
C ARG B 104 -15.31 30.73 18.94
N SER B 105 -15.28 29.95 20.02
CA SER B 105 -15.70 28.55 19.97
C SER B 105 -17.08 28.41 19.33
N GLY B 106 -17.15 27.62 18.27
CA GLY B 106 -18.41 27.33 17.62
C GLY B 106 -18.93 28.41 16.68
N GLU B 107 -18.20 29.51 16.55
CA GLU B 107 -18.59 30.60 15.66
C GLU B 107 -17.66 30.61 14.44
N PRO B 108 -18.18 30.28 13.25
CA PRO B 108 -17.31 30.28 12.08
C PRO B 108 -16.84 31.67 11.71
N GLN B 109 -15.63 31.74 11.15
CA GLN B 109 -15.19 32.94 10.46
C GLN B 109 -14.99 32.56 9.00
N THR B 110 -15.62 33.34 8.11
CA THR B 110 -15.58 33.08 6.69
C THR B 110 -14.84 34.17 5.94
N PHE B 111 -14.07 33.77 4.94
CA PHE B 111 -13.38 34.73 4.08
C PHE B 111 -13.46 34.25 2.65
N THR B 112 -13.20 35.17 1.73
CA THR B 112 -13.31 34.89 0.32
C THR B 112 -11.93 34.77 -0.32
N LEU B 113 -11.74 33.69 -1.07
CA LEU B 113 -10.58 33.49 -1.92
C LEU B 113 -10.97 33.73 -3.38
N LYS B 114 -10.22 34.60 -4.03
CA LYS B 114 -10.38 34.83 -5.46
C LYS B 114 -9.28 34.06 -6.19
N PHE B 115 -9.66 33.31 -7.22
CA PHE B 115 -8.70 32.69 -8.11
C PHE B 115 -8.88 33.18 -9.54
N LYS B 116 -7.78 33.60 -10.16
CA LYS B 116 -7.83 34.08 -11.53
C LYS B 116 -6.79 33.38 -12.37
N ARG B 117 -7.24 32.74 -13.45
CA ARG B 117 -6.34 31.99 -14.29
C ARG B 117 -5.46 32.94 -15.09
N ALA B 118 -4.14 32.80 -14.91
CA ALA B 118 -3.17 33.65 -15.59
C ALA B 118 -3.26 33.49 -17.10
N GLU B 119 -3.01 34.58 -17.81
CA GLU B 119 -3.12 34.63 -19.25
C GLU B 119 -2.08 33.73 -19.89
N ASP B 120 -0.89 33.81 -19.34
CA ASP B 120 0.28 33.17 -19.95
C ASP B 120 1.19 32.77 -18.82
N TYR B 121 1.50 31.48 -18.78
CA TYR B 121 2.23 30.90 -17.66
C TYR B 121 3.17 29.83 -18.23
N PRO B 122 4.42 29.78 -17.76
CA PRO B 122 5.34 28.82 -18.37
C PRO B 122 4.96 27.37 -18.11
N ILE B 123 5.44 26.49 -18.98
CA ILE B 123 5.18 25.06 -18.87
C ILE B 123 6.48 24.26 -18.94
N ASP B 124 6.68 23.42 -17.92
CA ASP B 124 7.70 22.37 -17.94
C ASP B 124 6.98 21.06 -18.18
N LEU B 125 7.36 20.34 -19.23
CA LEU B 125 6.73 19.05 -19.53
C LEU B 125 7.77 17.95 -19.60
N TYR B 126 7.60 16.96 -18.73
CA TYR B 126 8.52 15.84 -18.70
C TYR B 126 7.81 14.63 -19.29
N TYR B 127 8.42 14.06 -20.33
CA TYR B 127 7.81 12.96 -21.06
C TYR B 127 8.42 11.67 -20.55
N LEU B 128 7.64 10.91 -19.79
CA LEU B 128 8.13 9.69 -19.14
C LEU B 128 7.54 8.48 -19.85
N MET B 129 8.41 7.76 -20.54
CA MET B 129 7.98 6.79 -21.54
C MET B 129 8.38 5.36 -21.20
N ASP B 130 7.40 4.49 -21.35
CA ASP B 130 7.58 3.05 -21.26
C ASP B 130 8.45 2.62 -22.45
N LEU B 131 9.62 2.02 -22.21
CA LEU B 131 10.45 1.53 -23.32
C LEU B 131 10.57 0.01 -23.36
N SER B 132 9.55 -0.69 -22.88
CA SER B 132 9.46 -2.14 -23.08
C SER B 132 9.12 -2.40 -24.54
N TYR B 133 9.15 -3.67 -24.96
CA TYR B 133 9.27 -3.93 -26.40
C TYR B 133 8.05 -3.51 -27.22
N SER B 134 6.85 -3.60 -26.66
CA SER B 134 5.66 -3.20 -27.42
C SER B 134 5.67 -1.70 -27.75
N MET B 135 6.56 -0.96 -27.10
CA MET B 135 6.65 0.48 -27.33
C MET B 135 7.70 0.84 -28.40
N LYS B 136 8.21 -0.17 -29.10
CA LYS B 136 9.26 0.05 -30.10
C LYS B 136 8.80 0.98 -31.22
N ASP B 137 7.62 0.73 -31.74
CA ASP B 137 7.07 1.57 -32.80
C ASP B 137 6.73 2.97 -32.31
N ASP B 138 6.32 3.09 -31.05
CA ASP B 138 6.07 4.39 -30.45
C ASP B 138 7.36 5.20 -30.44
N LEU B 139 8.42 4.57 -29.96
CA LEU B 139 9.73 5.20 -29.86
C LEU B 139 10.17 5.77 -31.21
N GLU B 140 9.73 5.14 -32.29
CA GLU B 140 10.04 5.65 -33.63
C GLU B 140 9.30 6.96 -33.93
N ASN B 141 8.13 7.16 -33.33
CA ASN B 141 7.34 8.37 -33.57
C ASN B 141 7.74 9.54 -32.69
N VAL B 142 8.07 9.23 -31.44
CA VAL B 142 8.42 10.23 -30.46
C VAL B 142 9.76 10.89 -30.81
N LYS B 143 10.42 10.40 -31.87
CA LYS B 143 11.71 10.92 -32.32
C LYS B 143 11.69 12.39 -32.75
N SER B 144 10.54 12.88 -33.16
CA SER B 144 10.40 14.26 -33.60
C SER B 144 9.50 15.03 -32.66
N LEU B 145 9.15 14.39 -31.55
CA LEU B 145 8.17 14.96 -30.65
C LEU B 145 8.66 16.24 -30.01
N GLY B 146 9.97 16.34 -29.81
CA GLY B 146 10.57 17.47 -29.13
C GLY B 146 10.32 18.77 -29.89
N THR B 147 10.67 18.76 -31.17
CA THR B 147 10.47 19.95 -31.99
C THR B 147 9.01 20.17 -32.36
N ASP B 148 8.26 19.10 -32.59
CA ASP B 148 6.87 19.27 -32.99
C ASP B 148 6.08 19.86 -31.84
N LEU B 149 6.31 19.33 -30.64
CA LEU B 149 5.62 19.80 -29.46
C LEU B 149 5.99 21.24 -29.16
N MET B 150 7.26 21.58 -29.36
CA MET B 150 7.72 22.95 -29.14
C MET B 150 6.99 23.90 -30.07
N ASN B 151 6.83 23.49 -31.32
CA ASN B 151 6.15 24.33 -32.30
C ASN B 151 4.69 24.57 -31.90
N GLU B 152 4.02 23.51 -31.46
CA GLU B 152 2.65 23.63 -30.98
C GLU B 152 2.53 24.52 -29.75
N MET B 153 3.48 24.38 -28.84
CA MET B 153 3.43 25.08 -27.58
C MET B 153 3.65 26.59 -27.72
N ARG B 154 4.20 27.03 -28.86
CA ARG B 154 4.39 28.46 -29.07
C ARG B 154 3.05 29.19 -29.03
N ARG B 155 1.98 28.46 -29.30
CA ARG B 155 0.66 29.07 -29.35
C ARG B 155 -0.10 28.80 -28.05
N ILE B 156 0.61 28.25 -27.07
CA ILE B 156 0.04 27.93 -25.77
C ILE B 156 0.75 28.68 -24.66
N THR B 157 2.05 28.85 -24.79
CA THR B 157 2.83 29.55 -23.77
C THR B 157 4.07 30.16 -24.40
N SER B 158 4.57 31.23 -23.79
CA SER B 158 5.78 31.89 -24.26
C SER B 158 7.04 31.24 -23.70
N ASP B 159 6.87 30.28 -22.80
CA ASP B 159 8.02 29.71 -22.11
C ASP B 159 7.79 28.22 -21.84
N PHE B 160 8.28 27.38 -22.75
CA PHE B 160 8.08 25.93 -22.71
C PHE B 160 9.43 25.20 -22.61
N ARG B 161 9.48 24.20 -21.75
CA ARG B 161 10.64 23.33 -21.64
C ARG B 161 10.17 21.90 -21.63
N ILE B 162 11.00 21.02 -22.19
CA ILE B 162 10.66 19.61 -22.28
C ILE B 162 11.80 18.75 -21.75
N GLY B 163 11.46 17.61 -21.19
CA GLY B 163 12.46 16.65 -20.76
C GLY B 163 12.00 15.24 -21.09
N PHE B 164 12.89 14.27 -20.94
CA PHE B 164 12.55 12.90 -21.29
C PHE B 164 13.15 11.92 -20.32
N GLY B 165 12.33 10.95 -19.96
CA GLY B 165 12.79 9.82 -19.18
C GLY B 165 12.17 8.55 -19.70
N SER B 166 12.84 7.44 -19.44
CA SER B 166 12.39 6.14 -19.88
C SER B 166 12.32 5.19 -18.68
N PHE B 167 11.42 4.22 -18.77
CA PHE B 167 11.33 3.17 -17.76
C PHE B 167 10.95 1.83 -18.37
N VAL B 168 11.30 0.78 -17.64
CA VAL B 168 10.79 -0.54 -17.99
C VAL B 168 10.28 -1.25 -16.74
N GLU B 169 11.20 -1.78 -15.94
CA GLU B 169 10.82 -2.66 -14.84
C GLU B 169 11.92 -2.72 -13.77
N LYS B 170 11.54 -3.15 -12.57
CA LYS B 170 12.51 -3.55 -11.56
C LYS B 170 13.46 -4.60 -12.14
N THR B 171 14.75 -4.45 -11.92
CA THR B 171 15.72 -5.34 -12.56
C THR B 171 16.05 -6.57 -11.70
N VAL B 172 15.02 -7.28 -11.27
CA VAL B 172 15.19 -8.47 -10.44
C VAL B 172 14.15 -9.52 -10.77
N MET B 173 14.44 -10.77 -10.41
CA MET B 173 13.46 -11.82 -10.44
C MET B 173 12.30 -11.43 -9.51
N PRO B 174 11.05 -11.76 -9.90
CA PRO B 174 10.55 -12.49 -11.06
C PRO B 174 10.07 -11.61 -12.23
N TYR B 175 10.27 -10.30 -12.14
CA TYR B 175 9.71 -9.37 -13.12
C TYR B 175 10.48 -9.45 -14.43
N ILE B 176 11.76 -9.77 -14.33
CA ILE B 176 12.60 -10.00 -15.51
C ILE B 176 13.14 -11.41 -15.49
N SER B 177 13.43 -11.93 -16.67
CA SER B 177 14.18 -13.18 -16.76
C SER B 177 15.62 -12.89 -16.36
N THR B 178 16.22 -13.80 -15.60
CA THR B 178 17.57 -13.62 -15.10
C THR B 178 18.59 -14.65 -15.58
N THR B 179 18.30 -15.32 -16.69
CA THR B 179 19.35 -16.09 -17.37
C THR B 179 20.39 -15.10 -17.93
N PRO B 180 21.67 -15.48 -17.96
CA PRO B 180 22.68 -14.55 -18.46
C PRO B 180 22.31 -13.94 -19.81
N ALA B 181 21.75 -14.78 -20.68
CA ALA B 181 21.38 -14.37 -22.03
C ALA B 181 20.27 -13.32 -22.02
N LYS B 182 19.25 -13.55 -21.21
CA LYS B 182 18.10 -12.64 -21.17
C LYS B 182 18.41 -11.33 -20.47
N LEU B 183 19.40 -11.34 -19.60
CA LEU B 183 19.87 -10.12 -18.97
C LEU B 183 20.56 -9.23 -19.99
N ARG B 184 21.23 -9.86 -20.95
CA ARG B 184 21.90 -9.13 -22.03
C ARG B 184 20.88 -8.64 -23.04
N ASN B 185 19.96 -9.54 -23.39
CA ASN B 185 18.90 -9.25 -24.35
C ASN B 185 17.60 -9.88 -23.90
N PRO B 186 16.71 -9.09 -23.27
CA PRO B 186 15.47 -9.63 -22.71
C PRO B 186 14.46 -10.04 -23.77
N CYS B 187 14.75 -9.75 -25.03
CA CYS B 187 13.81 -10.01 -26.12
C CYS B 187 14.30 -11.21 -26.92
N THR B 188 13.75 -11.42 -28.13
CA THR B 188 14.19 -12.55 -28.95
C THR B 188 15.58 -12.29 -29.52
N SER B 189 16.17 -13.30 -30.12
CA SER B 189 17.53 -13.19 -30.66
C SER B 189 17.62 -12.07 -31.69
N GLU B 190 16.74 -12.09 -32.68
CA GLU B 190 16.73 -11.06 -33.73
C GLU B 190 16.50 -9.66 -33.16
N GLN B 191 15.54 -9.52 -32.25
CA GLN B 191 15.34 -8.25 -31.58
C GLN B 191 16.59 -7.93 -30.76
N ASN B 192 17.12 -6.73 -30.95
CA ASN B 192 18.41 -6.35 -30.35
C ASN B 192 18.17 -5.49 -29.12
N CYS B 193 17.30 -5.95 -28.22
CA CYS B 193 16.91 -5.13 -27.07
C CYS B 193 18.08 -4.92 -26.13
N THR B 194 18.07 -3.78 -25.48
CA THR B 194 19.07 -3.46 -24.47
C THR B 194 18.60 -4.08 -23.15
N THR B 195 19.52 -4.18 -22.19
CA THR B 195 19.21 -4.84 -20.94
C THR B 195 18.10 -4.10 -20.18
N PRO B 196 17.28 -4.84 -19.44
CA PRO B 196 16.21 -4.20 -18.68
C PRO B 196 16.76 -3.15 -17.70
N PHE B 197 15.98 -2.10 -17.49
CA PHE B 197 16.36 -1.05 -16.58
C PHE B 197 15.10 -0.48 -15.94
N SER B 198 15.26 0.17 -14.80
CA SER B 198 14.13 0.67 -14.05
C SER B 198 13.72 2.04 -14.60
N TYR B 199 14.62 3.00 -14.53
CA TYR B 199 14.32 4.36 -14.91
C TYR B 199 15.59 5.11 -15.27
N LYS B 200 15.55 5.76 -16.42
CA LYS B 200 16.64 6.58 -16.88
C LYS B 200 16.15 8.01 -17.11
N ASN B 201 16.77 8.95 -16.40
CA ASN B 201 16.52 10.35 -16.61
C ASN B 201 17.37 10.81 -17.77
N VAL B 202 16.88 10.53 -18.97
CA VAL B 202 17.62 10.77 -20.19
C VAL B 202 17.97 12.24 -20.38
N LEU B 203 16.96 13.10 -20.24
CA LEU B 203 17.11 14.52 -20.55
C LEU B 203 16.34 15.38 -19.55
N SER B 204 17.07 16.15 -18.77
CA SER B 204 16.44 17.10 -17.87
C SER B 204 15.75 18.18 -18.68
N LEU B 205 14.81 18.87 -18.07
CA LEU B 205 14.07 19.91 -18.75
C LEU B 205 14.98 20.94 -19.43
N THR B 206 14.69 21.19 -20.70
CA THR B 206 15.42 22.14 -21.52
C THR B 206 14.47 22.82 -22.49
N ASN B 207 14.80 24.04 -22.89
CA ASN B 207 14.03 24.72 -23.93
C ASN B 207 14.47 24.29 -25.35
N LYS B 208 15.51 23.45 -25.42
CA LYS B 208 16.04 22.97 -26.71
C LYS B 208 15.38 21.67 -27.18
N GLY B 209 14.30 21.80 -27.95
CA GLY B 209 13.57 20.64 -28.48
C GLY B 209 14.39 19.75 -29.38
N GLU B 210 15.34 20.35 -30.07
CA GLU B 210 16.23 19.65 -30.98
C GLU B 210 17.03 18.60 -30.21
N VAL B 211 17.35 18.92 -28.96
CA VAL B 211 18.16 18.04 -28.11
C VAL B 211 17.31 16.85 -27.65
N PHE B 212 16.03 17.11 -27.41
CA PHE B 212 15.07 16.05 -27.14
C PHE B 212 15.06 15.07 -28.32
N ASN B 213 14.94 15.59 -29.53
CA ASN B 213 14.97 14.75 -30.73
C ASN B 213 16.25 13.93 -30.82
N GLU B 214 17.39 14.60 -30.67
CA GLU B 214 18.70 13.96 -30.77
C GLU B 214 18.83 12.78 -29.79
N LEU B 215 18.41 12.99 -28.55
CA LEU B 215 18.63 11.98 -27.51
C LEU B 215 17.62 10.84 -27.55
N VAL B 216 16.36 11.19 -27.74
CA VAL B 216 15.32 10.18 -27.82
C VAL B 216 15.61 9.26 -29.00
N GLY B 217 16.12 9.84 -30.09
CA GLY B 217 16.48 9.07 -31.26
C GLY B 217 17.56 8.06 -31.00
N LYS B 218 18.34 8.26 -29.93
CA LYS B 218 19.45 7.36 -29.60
C LYS B 218 19.09 6.30 -28.57
N GLN B 219 17.88 6.36 -28.02
CA GLN B 219 17.50 5.41 -26.97
C GLN B 219 17.20 4.05 -27.57
N ARG B 220 17.54 3.00 -26.82
CA ARG B 220 17.32 1.63 -27.27
C ARG B 220 16.11 1.06 -26.55
N ILE B 221 15.27 0.35 -27.29
CA ILE B 221 14.11 -0.30 -26.70
C ILE B 221 14.61 -1.46 -25.83
N SER B 222 13.85 -1.83 -24.81
CA SER B 222 14.21 -2.92 -23.92
C SER B 222 13.09 -3.95 -23.85
N GLY B 223 13.04 -4.69 -22.75
CA GLY B 223 12.03 -5.73 -22.57
C GLY B 223 12.04 -6.27 -21.16
N ASN B 224 11.01 -7.04 -20.81
CA ASN B 224 10.98 -7.74 -19.53
C ASN B 224 9.91 -8.81 -19.60
N LEU B 225 9.52 -9.36 -18.46
CA LEU B 225 8.72 -10.56 -18.47
C LEU B 225 7.23 -10.32 -18.17
N ASP B 226 6.88 -9.76 -17.01
CA ASP B 226 5.46 -9.63 -16.70
C ASP B 226 4.86 -8.37 -17.33
N SER B 227 3.56 -8.41 -17.62
CA SER B 227 2.91 -7.37 -18.40
C SER B 227 2.87 -6.00 -17.69
N PRO B 228 2.44 -5.96 -16.42
CA PRO B 228 2.43 -4.65 -15.77
C PRO B 228 3.85 -4.12 -15.71
N GLU B 229 4.07 -2.82 -15.84
CA GLU B 229 5.44 -2.31 -15.80
C GLU B 229 5.71 -1.49 -14.52
N GLY B 230 6.96 -1.08 -14.36
CA GLY B 230 7.43 -0.52 -13.11
C GLY B 230 7.47 0.99 -13.10
N GLY B 231 6.66 1.60 -13.95
CA GLY B 231 6.64 3.04 -14.08
C GLY B 231 6.35 3.85 -12.82
N PHE B 232 5.66 3.27 -11.84
CA PHE B 232 5.42 3.98 -10.57
C PHE B 232 6.76 4.27 -9.87
N ASP B 233 7.76 3.40 -10.01
CA ASP B 233 9.10 3.70 -9.49
C ASP B 233 9.65 4.97 -10.14
N ALA B 234 9.46 5.09 -11.46
CA ALA B 234 9.94 6.22 -12.23
C ALA B 234 9.15 7.49 -11.92
N ILE B 235 7.83 7.37 -11.79
CA ILE B 235 7.00 8.54 -11.47
C ILE B 235 7.48 9.14 -10.17
N MET B 236 7.72 8.28 -9.18
CA MET B 236 8.17 8.75 -7.88
C MET B 236 9.45 9.56 -8.01
N GLN B 237 10.40 9.04 -8.79
CA GLN B 237 11.67 9.73 -8.98
C GLN B 237 11.48 11.06 -9.67
N VAL B 238 10.60 11.09 -10.64
CA VAL B 238 10.40 12.31 -11.40
C VAL B 238 9.77 13.37 -10.50
N ALA B 239 8.96 12.91 -9.56
CA ALA B 239 8.28 13.82 -8.63
C ALA B 239 9.22 14.42 -7.60
N VAL B 240 10.20 13.66 -7.12
CA VAL B 240 10.97 14.08 -5.96
C VAL B 240 12.42 14.42 -6.27
N CYS B 241 12.85 14.28 -7.51
CA CYS B 241 14.27 14.49 -7.83
C CYS B 241 14.60 15.93 -8.20
N GLY B 242 13.60 16.81 -8.17
CA GLY B 242 13.85 18.23 -8.14
C GLY B 242 14.77 18.74 -9.22
N SER B 243 15.93 19.26 -8.84
CA SER B 243 16.81 19.91 -9.81
C SER B 243 17.40 18.91 -10.80
N LEU B 244 17.44 17.63 -10.44
CA LEU B 244 17.96 16.63 -11.37
C LEU B 244 17.04 16.53 -12.57
N ILE B 245 15.75 16.81 -12.34
CA ILE B 245 14.78 16.86 -13.42
C ILE B 245 14.74 18.27 -14.00
N GLY B 246 14.84 19.27 -13.14
CA GLY B 246 14.90 20.66 -13.56
C GLY B 246 13.63 21.49 -13.35
N TRP B 247 12.66 20.97 -12.59
CA TRP B 247 11.38 21.66 -12.46
C TRP B 247 11.49 23.10 -11.99
N ARG B 248 10.78 23.98 -12.66
CA ARG B 248 10.61 25.34 -12.18
C ARG B 248 9.27 25.46 -11.46
N ASN B 249 9.09 26.59 -10.77
CA ASN B 249 7.81 26.83 -10.13
C ASN B 249 6.84 27.39 -11.15
N VAL B 250 6.47 26.52 -12.08
CA VAL B 250 5.56 26.85 -13.15
C VAL B 250 4.57 25.70 -13.26
N THR B 251 3.77 25.70 -14.32
CA THR B 251 2.95 24.54 -14.66
C THR B 251 3.85 23.34 -14.94
N ARG B 252 3.69 22.30 -14.13
CA ARG B 252 4.52 21.10 -14.26
C ARG B 252 3.67 19.97 -14.77
N LEU B 253 4.00 19.51 -15.97
CA LEU B 253 3.28 18.41 -16.60
C LEU B 253 4.16 17.19 -16.71
N LEU B 254 3.61 16.06 -16.28
CA LEU B 254 4.26 14.79 -16.41
C LEU B 254 3.41 13.94 -17.33
N VAL B 255 3.93 13.64 -18.51
CA VAL B 255 3.22 12.75 -19.42
C VAL B 255 3.75 11.35 -19.16
N PHE B 256 2.84 10.45 -18.80
CA PHE B 256 3.16 9.07 -18.51
C PHE B 256 2.60 8.24 -19.65
N SER B 257 3.49 7.67 -20.45
CA SER B 257 3.08 7.01 -21.69
C SER B 257 3.40 5.52 -21.62
N THR B 258 2.37 4.70 -21.83
CA THR B 258 2.50 3.26 -21.64
C THR B 258 1.37 2.53 -22.33
N ASP B 259 1.62 1.27 -22.66
CA ASP B 259 0.59 0.41 -23.23
C ASP B 259 0.32 -0.80 -22.33
N ALA B 260 0.64 -0.65 -21.04
CA ALA B 260 0.41 -1.71 -20.07
C ALA B 260 -0.05 -1.15 -18.73
N GLY B 261 -0.51 -2.04 -17.86
CA GLY B 261 -0.85 -1.67 -16.51
C GLY B 261 0.40 -1.42 -15.70
N PHE B 262 0.22 -1.33 -14.39
CA PHE B 262 1.30 -0.89 -13.52
C PHE B 262 1.43 -1.73 -12.25
N HIS B 263 2.68 -2.01 -11.87
CA HIS B 263 3.00 -2.54 -10.55
C HIS B 263 2.76 -1.47 -9.50
N PHE B 264 2.47 -1.91 -8.27
CA PHE B 264 2.40 -0.99 -7.13
C PHE B 264 2.79 -1.72 -5.84
N ALA B 265 2.81 -0.96 -4.73
CA ALA B 265 3.29 -1.46 -3.46
C ALA B 265 2.63 -2.81 -3.12
N GLY B 266 3.45 -3.73 -2.62
CA GLY B 266 3.01 -5.08 -2.35
C GLY B 266 3.50 -6.07 -3.40
N ASP B 267 3.58 -5.62 -4.65
CA ASP B 267 4.09 -6.48 -5.72
C ASP B 267 5.53 -6.83 -5.45
N GLY B 268 6.25 -5.95 -4.76
CA GLY B 268 7.67 -6.17 -4.50
C GLY B 268 7.97 -7.43 -3.70
N LYS B 269 7.02 -7.86 -2.89
CA LYS B 269 7.27 -9.00 -2.02
C LYS B 269 7.59 -10.26 -2.83
N LEU B 270 7.04 -10.38 -4.03
CA LEU B 270 7.36 -11.53 -4.88
C LEU B 270 8.85 -11.60 -5.18
N GLY B 271 9.50 -10.45 -5.30
CA GLY B 271 10.92 -10.38 -5.53
C GLY B 271 11.72 -10.23 -4.26
N GLY B 272 11.08 -10.42 -3.11
CA GLY B 272 11.74 -10.26 -1.83
C GLY B 272 12.01 -8.82 -1.44
N ILE B 273 11.24 -7.89 -2.02
CA ILE B 273 11.41 -6.47 -1.76
C ILE B 273 10.31 -6.07 -0.81
N VAL B 274 10.68 -5.74 0.43
CA VAL B 274 9.69 -5.48 1.47
C VAL B 274 9.77 -4.08 2.06
N LEU B 275 10.88 -3.38 1.87
CA LEU B 275 10.98 -2.00 2.33
C LEU B 275 10.08 -1.10 1.50
N PRO B 276 9.18 -0.35 2.16
CA PRO B 276 8.37 0.59 1.37
C PRO B 276 9.24 1.62 0.62
N ASN B 277 8.77 2.04 -0.55
CA ASN B 277 9.37 3.18 -1.24
C ASN B 277 9.59 4.33 -0.26
N ASP B 278 10.77 4.92 -0.22
CA ASP B 278 11.04 5.97 0.76
C ASP B 278 10.72 7.37 0.23
N GLY B 279 10.33 7.44 -1.03
CA GLY B 279 9.94 8.70 -1.64
C GLY B 279 11.07 9.72 -1.69
N GLN B 280 12.31 9.23 -1.83
CA GLN B 280 13.48 10.11 -1.92
C GLN B 280 14.17 9.86 -3.27
N CYS B 281 15.00 10.81 -3.69
CA CYS B 281 15.68 10.68 -4.96
C CYS B 281 16.84 9.69 -4.83
N HIS B 282 16.92 8.77 -5.78
CA HIS B 282 18.01 7.79 -5.77
C HIS B 282 18.54 7.60 -7.18
N LEU B 283 18.81 8.71 -7.87
CA LEU B 283 19.45 8.65 -9.18
C LEU B 283 20.97 8.70 -9.04
N GLU B 284 21.65 7.81 -9.74
CA GLU B 284 23.09 7.86 -9.89
C GLU B 284 23.41 7.74 -11.35
N ASN B 285 24.25 8.63 -11.86
CA ASN B 285 24.52 8.68 -13.29
C ASN B 285 23.22 8.64 -14.08
N ASN B 286 22.24 9.41 -13.60
CA ASN B 286 20.96 9.57 -14.29
C ASN B 286 20.10 8.29 -14.35
N MET B 287 20.46 7.28 -13.54
CA MET B 287 19.69 6.03 -13.47
C MET B 287 19.16 5.80 -12.06
N TYR B 288 17.97 5.24 -11.95
CA TYR B 288 17.45 4.80 -10.66
C TYR B 288 18.12 3.51 -10.24
N THR B 289 18.78 3.56 -9.09
CA THR B 289 19.64 2.46 -8.63
C THR B 289 19.07 1.60 -7.50
N MET B 290 17.87 1.91 -7.05
CA MET B 290 17.36 1.26 -5.83
C MET B 290 16.10 0.44 -6.07
N SER B 291 15.83 0.09 -7.34
CA SER B 291 14.60 -0.64 -7.67
C SER B 291 14.59 -2.04 -7.07
N HIS B 292 15.77 -2.56 -6.78
CA HIS B 292 15.90 -3.86 -6.14
C HIS B 292 15.69 -3.78 -4.64
N TYR B 293 15.63 -2.56 -4.10
CA TYR B 293 15.72 -2.34 -2.65
C TYR B 293 14.43 -1.80 -2.05
N TYR B 294 13.83 -0.83 -2.73
CA TYR B 294 12.55 -0.26 -2.35
C TYR B 294 11.43 -0.82 -3.19
N ASP B 295 10.29 -1.08 -2.53
CA ASP B 295 9.09 -1.54 -3.18
C ASP B 295 8.56 -0.47 -4.13
N TYR B 296 7.72 -0.89 -5.06
CA TYR B 296 6.98 0.07 -5.86
C TYR B 296 6.21 0.96 -4.91
N PRO B 297 5.99 2.23 -5.29
CA PRO B 297 5.13 3.11 -4.51
C PRO B 297 3.70 2.60 -4.51
N SER B 298 2.95 2.97 -3.48
CA SER B 298 1.51 2.84 -3.50
C SER B 298 0.89 4.03 -4.22
N ILE B 299 -0.35 3.90 -4.66
CA ILE B 299 -1.04 5.02 -5.26
C ILE B 299 -1.06 6.19 -4.26
N ALA B 300 -1.30 5.90 -3.00
CA ALA B 300 -1.43 6.96 -2.02
C ALA B 300 -0.12 7.72 -1.85
N HIS B 301 0.99 6.99 -1.93
CA HIS B 301 2.29 7.60 -1.84
C HIS B 301 2.54 8.53 -3.02
N LEU B 302 2.17 8.09 -4.21
CA LEU B 302 2.26 8.97 -5.36
C LEU B 302 1.37 10.20 -5.20
N VAL B 303 0.15 9.99 -4.72
CA VAL B 303 -0.75 11.10 -4.45
C VAL B 303 -0.02 12.12 -3.58
N GLN B 304 0.58 11.63 -2.50
CA GLN B 304 1.30 12.53 -1.60
C GLN B 304 2.37 13.31 -2.37
N LYS B 305 3.22 12.61 -3.11
CA LYS B 305 4.43 13.22 -3.66
C LYS B 305 4.16 14.02 -4.94
N LEU B 306 3.19 13.58 -5.74
CA LEU B 306 2.80 14.37 -6.91
C LEU B 306 2.17 15.69 -6.47
N SER B 307 1.30 15.63 -5.47
CA SER B 307 0.61 16.82 -4.99
C SER B 307 1.59 17.81 -4.41
N GLU B 308 2.49 17.29 -3.58
CA GLU B 308 3.45 18.12 -2.85
C GLU B 308 4.37 18.83 -3.83
N ASN B 309 4.70 18.16 -4.93
CA ASN B 309 5.61 18.71 -5.92
C ASN B 309 4.90 19.32 -7.11
N ASN B 310 3.59 19.52 -6.95
CA ASN B 310 2.79 20.25 -7.92
C ASN B 310 2.86 19.66 -9.31
N ILE B 311 2.94 18.34 -9.38
CA ILE B 311 2.97 17.64 -10.67
C ILE B 311 1.55 17.33 -11.11
N GLN B 312 1.25 17.71 -12.34
CA GLN B 312 -0.02 17.36 -12.96
C GLN B 312 0.25 16.26 -13.97
N THR B 313 -0.43 15.14 -13.81
CA THR B 313 -0.10 13.96 -14.58
C THR B 313 -1.06 13.73 -15.73
N ILE B 314 -0.45 13.46 -16.88
CA ILE B 314 -1.17 13.10 -18.08
C ILE B 314 -0.88 11.64 -18.37
N PHE B 315 -1.86 10.79 -18.13
CA PHE B 315 -1.76 9.38 -18.50
C PHE B 315 -2.10 9.18 -19.97
N ALA B 316 -1.06 8.96 -20.77
CA ALA B 316 -1.22 8.72 -22.19
C ALA B 316 -1.13 7.21 -22.43
N VAL B 317 -2.27 6.54 -22.42
CA VAL B 317 -2.26 5.08 -22.43
C VAL B 317 -3.20 4.54 -23.47
N THR B 318 -2.91 3.33 -23.94
CA THR B 318 -3.68 2.75 -25.04
C THR B 318 -5.09 2.41 -24.60
N GLU B 319 -5.94 2.22 -25.60
CA GLU B 319 -7.34 1.89 -25.40
C GLU B 319 -7.58 0.75 -24.40
N GLU B 320 -6.90 -0.37 -24.58
CA GLU B 320 -7.21 -1.53 -23.76
C GLU B 320 -6.97 -1.27 -22.26
N PHE B 321 -6.15 -0.29 -21.90
CA PHE B 321 -5.91 0.00 -20.48
C PHE B 321 -6.56 1.30 -20.03
N GLN B 322 -7.46 1.82 -20.84
CA GLN B 322 -8.25 2.98 -20.47
C GLN B 322 -9.02 2.76 -19.18
N PRO B 323 -9.70 1.59 -19.03
CA PRO B 323 -10.46 1.35 -17.80
C PRO B 323 -9.63 1.55 -16.52
N VAL B 324 -8.45 0.94 -16.49
CA VAL B 324 -7.53 1.00 -15.36
C VAL B 324 -7.04 2.42 -15.05
N TYR B 325 -6.58 3.11 -16.09
CA TYR B 325 -5.98 4.41 -15.85
C TYR B 325 -7.04 5.45 -15.54
N LYS B 326 -8.27 5.20 -15.97
CA LYS B 326 -9.37 6.10 -15.64
C LYS B 326 -9.68 6.03 -14.15
N GLU B 327 -9.64 4.84 -13.56
CA GLU B 327 -9.78 4.72 -12.11
C GLU B 327 -8.57 5.29 -11.39
N LEU B 328 -7.39 5.12 -11.98
CA LEU B 328 -6.19 5.70 -11.37
C LEU B 328 -6.33 7.22 -11.35
N LYS B 329 -6.88 7.75 -12.43
CA LYS B 329 -7.02 9.21 -12.56
C LYS B 329 -8.00 9.76 -11.52
N ASN B 330 -8.98 8.95 -11.13
CA ASN B 330 -9.93 9.39 -10.12
C ASN B 330 -9.32 9.44 -8.72
N LEU B 331 -8.22 8.73 -8.51
CA LEU B 331 -7.53 8.74 -7.23
C LEU B 331 -6.40 9.75 -7.15
N ILE B 332 -5.85 10.15 -8.29
CA ILE B 332 -4.74 11.07 -8.31
C ILE B 332 -5.24 12.48 -8.64
N PRO B 333 -5.15 13.40 -7.69
CA PRO B 333 -5.57 14.78 -7.98
C PRO B 333 -4.75 15.42 -9.11
N LYS B 334 -5.38 16.30 -9.89
CA LYS B 334 -4.70 16.99 -10.99
C LYS B 334 -4.10 16.03 -11.99
N SER B 335 -4.90 15.08 -12.44
CA SER B 335 -4.43 14.17 -13.45
C SER B 335 -5.49 14.07 -14.53
N ALA B 336 -5.06 13.60 -15.70
CA ALA B 336 -5.95 13.48 -16.83
C ALA B 336 -5.56 12.23 -17.57
N VAL B 337 -6.52 11.64 -18.27
CA VAL B 337 -6.28 10.45 -19.08
C VAL B 337 -6.59 10.74 -20.54
N GLY B 338 -5.72 10.28 -21.42
CA GLY B 338 -5.99 10.34 -22.85
C GLY B 338 -5.74 8.98 -23.46
N THR B 339 -6.32 8.74 -24.63
CA THR B 339 -6.16 7.47 -25.32
C THR B 339 -5.08 7.63 -26.39
N LEU B 340 -3.96 6.97 -26.11
CA LEU B 340 -2.79 6.96 -26.97
C LEU B 340 -2.95 5.95 -28.11
N SER B 341 -2.64 6.34 -29.33
CA SER B 341 -2.69 5.40 -30.46
C SER B 341 -1.62 4.31 -30.32
N ALA B 342 -1.61 3.35 -31.23
CA ALA B 342 -0.76 2.18 -31.05
C ALA B 342 0.71 2.48 -31.29
N ASN B 343 1.01 3.59 -31.98
CA ASN B 343 2.39 4.06 -32.14
C ASN B 343 2.60 5.50 -31.68
N SER B 344 1.77 5.95 -30.74
CA SER B 344 1.89 7.30 -30.19
C SER B 344 1.79 8.38 -31.25
N SER B 345 1.10 8.09 -32.34
CA SER B 345 0.99 9.06 -33.42
C SER B 345 0.19 10.29 -33.01
N ASN B 346 -0.74 10.11 -32.09
CA ASN B 346 -1.64 11.19 -31.69
C ASN B 346 -1.24 11.88 -30.39
N VAL B 347 -0.01 11.66 -29.93
CA VAL B 347 0.35 12.07 -28.59
C VAL B 347 0.38 13.59 -28.40
N ILE B 348 0.67 14.35 -29.45
CA ILE B 348 0.72 15.80 -29.29
C ILE B 348 -0.68 16.34 -28.98
N GLN B 349 -1.66 15.99 -29.79
CA GLN B 349 -3.03 16.45 -29.54
C GLN B 349 -3.55 15.92 -28.21
N LEU B 350 -3.15 14.70 -27.86
CA LEU B 350 -3.47 14.14 -26.56
C LEU B 350 -2.99 15.05 -25.44
N ILE B 351 -1.71 15.42 -25.49
CA ILE B 351 -1.11 16.29 -24.48
C ILE B 351 -1.82 17.64 -24.45
N ILE B 352 -2.11 18.21 -25.61
CA ILE B 352 -2.78 19.51 -25.67
C ILE B 352 -4.15 19.42 -25.00
N ASP B 353 -4.90 18.40 -25.37
CA ASP B 353 -6.25 18.24 -24.85
C ASP B 353 -6.20 18.08 -23.34
N ALA B 354 -5.24 17.29 -22.87
CA ALA B 354 -5.08 17.02 -21.44
C ALA B 354 -4.71 18.30 -20.69
N TYR B 355 -3.72 19.03 -21.20
CA TYR B 355 -3.35 20.32 -20.61
C TYR B 355 -4.56 21.25 -20.50
N ASN B 356 -5.33 21.34 -21.58
CA ASN B 356 -6.50 22.22 -21.60
C ASN B 356 -7.49 21.83 -20.53
N SER B 357 -7.65 20.53 -20.35
CA SER B 357 -8.57 19.99 -19.37
C SER B 357 -8.06 20.31 -17.95
N LEU B 358 -6.79 20.04 -17.71
CA LEU B 358 -6.17 20.27 -16.43
C LEU B 358 -6.18 21.75 -16.02
N SER B 359 -5.87 22.63 -16.98
CA SER B 359 -5.75 24.07 -16.74
C SER B 359 -7.08 24.74 -16.45
N SER B 360 -8.17 24.07 -16.83
CA SER B 360 -9.50 24.67 -16.77
C SER B 360 -10.22 24.30 -15.48
N GLU B 361 -9.53 23.59 -14.61
CA GLU B 361 -10.08 23.14 -13.35
C GLU B 361 -9.14 23.55 -12.22
N VAL B 362 -9.68 24.14 -11.16
CA VAL B 362 -8.86 24.46 -10.00
C VAL B 362 -9.39 23.65 -8.83
N ILE B 363 -8.47 23.08 -8.06
CA ILE B 363 -8.80 22.29 -6.88
C ILE B 363 -7.98 22.78 -5.70
N LEU B 364 -8.67 23.26 -4.67
CA LEU B 364 -8.00 23.75 -3.46
C LEU B 364 -7.73 22.64 -2.47
N GLU B 365 -6.56 22.69 -1.85
CA GLU B 365 -6.24 21.81 -0.72
C GLU B 365 -5.84 22.68 0.44
N ASN B 366 -6.09 22.18 1.64
CA ASN B 366 -5.59 22.84 2.84
C ASN B 366 -4.67 21.92 3.60
N GLY B 367 -3.78 22.51 4.39
CA GLY B 367 -2.89 21.74 5.22
C GLY B 367 -3.65 21.25 6.43
N LYS B 368 -2.94 20.58 7.33
CA LYS B 368 -3.57 19.94 8.46
C LYS B 368 -4.07 20.97 9.47
N LEU B 369 -5.28 20.75 9.96
CA LEU B 369 -5.91 21.59 10.96
C LEU B 369 -5.77 20.95 12.33
N SER B 370 -5.77 21.78 13.37
CA SER B 370 -5.73 21.27 14.74
C SER B 370 -7.03 20.57 15.10
N GLU B 371 -7.00 19.71 16.11
CA GLU B 371 -8.21 19.05 16.56
C GLU B 371 -9.21 20.09 17.04
N GLY B 372 -10.47 19.87 16.72
CA GLY B 372 -11.52 20.80 17.07
C GLY B 372 -11.72 21.88 16.02
N VAL B 373 -10.83 21.91 15.01
CA VAL B 373 -10.93 22.92 13.96
C VAL B 373 -11.43 22.28 12.67
N THR B 374 -12.42 22.90 12.05
CA THR B 374 -13.04 22.36 10.83
C THR B 374 -13.10 23.42 9.76
N ILE B 375 -13.10 22.96 8.51
CA ILE B 375 -13.08 23.85 7.35
C ILE B 375 -14.16 23.41 6.39
N SER B 376 -14.86 24.36 5.80
CA SER B 376 -15.83 24.07 4.76
C SER B 376 -15.61 25.05 3.61
N TYR B 377 -15.80 24.56 2.39
CA TYR B 377 -15.63 25.36 1.19
C TYR B 377 -16.93 25.53 0.44
N LYS B 378 -17.15 26.72 -0.11
CA LYS B 378 -18.16 26.92 -1.13
C LYS B 378 -17.51 27.58 -2.34
N SER B 379 -17.73 26.99 -3.50
CA SER B 379 -17.16 27.49 -4.75
C SER B 379 -18.21 28.24 -5.55
N TYR B 380 -17.80 29.31 -6.20
CA TYR B 380 -18.69 30.08 -7.06
C TYR B 380 -18.04 30.22 -8.42
N CYS B 381 -18.55 29.45 -9.38
CA CYS B 381 -17.88 29.26 -10.66
C CYS B 381 -18.65 29.91 -11.79
N LYS B 382 -18.25 29.62 -13.03
CA LYS B 382 -18.83 30.28 -14.18
C LYS B 382 -20.24 29.76 -14.43
N ASN B 383 -21.09 30.63 -14.98
CA ASN B 383 -22.47 30.28 -15.29
C ASN B 383 -23.25 29.93 -14.03
N GLY B 384 -22.90 30.59 -12.93
CA GLY B 384 -23.58 30.39 -11.67
C GLY B 384 -23.55 28.97 -11.13
N VAL B 385 -22.48 28.22 -11.45
CA VAL B 385 -22.31 26.89 -10.87
C VAL B 385 -21.62 26.98 -9.52
N ASN B 386 -22.37 26.62 -8.50
CA ASN B 386 -21.93 26.75 -7.12
C ASN B 386 -21.76 25.37 -6.51
N GLY B 387 -20.57 25.11 -5.96
CA GLY B 387 -20.29 23.84 -5.34
C GLY B 387 -20.29 23.92 -3.84
N THR B 388 -20.77 22.86 -3.19
CA THR B 388 -20.72 22.74 -1.73
C THR B 388 -20.16 21.38 -1.37
N GLY B 389 -19.82 21.20 -0.10
CA GLY B 389 -19.18 19.96 0.33
C GLY B 389 -17.80 19.87 -0.30
N GLU B 390 -17.42 18.67 -0.72
CA GLU B 390 -16.11 18.48 -1.31
C GLU B 390 -16.02 19.22 -2.64
N ASN B 391 -17.18 19.48 -3.26
CA ASN B 391 -17.21 20.21 -4.52
C ASN B 391 -16.97 21.71 -4.37
N GLY B 392 -17.07 22.21 -3.14
CA GLY B 392 -16.76 23.60 -2.87
C GLY B 392 -15.28 23.90 -3.02
N ARG B 393 -14.48 22.85 -3.13
CA ARG B 393 -13.04 23.00 -3.27
C ARG B 393 -12.63 23.20 -4.73
N LYS B 394 -13.57 23.11 -5.66
CA LYS B 394 -13.20 23.15 -7.06
C LYS B 394 -14.12 23.94 -7.97
N CYS B 395 -13.52 24.45 -9.05
CA CYS B 395 -14.24 25.09 -10.13
C CYS B 395 -13.77 24.51 -11.45
N SER B 396 -14.68 24.45 -12.41
CA SER B 396 -14.42 23.79 -13.68
C SER B 396 -14.75 24.74 -14.82
N ASN B 397 -14.26 24.44 -16.01
CA ASN B 397 -14.48 25.28 -17.16
C ASN B 397 -13.92 26.68 -16.95
N ILE B 398 -12.76 26.75 -16.31
CA ILE B 398 -12.08 28.02 -16.12
C ILE B 398 -11.24 28.37 -17.34
N SER B 399 -11.72 29.37 -18.09
CA SER B 399 -11.00 29.84 -19.25
C SER B 399 -9.90 30.80 -18.83
N ILE B 400 -8.91 30.96 -19.69
CA ILE B 400 -7.87 31.96 -19.51
C ILE B 400 -8.50 33.31 -19.15
N GLY B 401 -8.03 33.91 -18.06
CA GLY B 401 -8.49 35.23 -17.67
C GLY B 401 -9.69 35.21 -16.75
N ASP B 402 -10.31 34.04 -16.60
CA ASP B 402 -11.49 33.88 -15.75
C ASP B 402 -11.16 34.03 -14.28
N GLU B 403 -12.10 34.62 -13.54
CA GLU B 403 -12.01 34.71 -12.09
C GLU B 403 -13.10 33.86 -11.48
N VAL B 404 -12.73 33.14 -10.43
CA VAL B 404 -13.69 32.42 -9.62
C VAL B 404 -13.37 32.72 -8.17
N GLN B 405 -14.34 32.46 -7.30
CA GLN B 405 -14.18 32.81 -5.90
C GLN B 405 -14.61 31.66 -5.00
N PHE B 406 -14.00 31.58 -3.83
CA PHE B 406 -14.37 30.58 -2.85
C PHE B 406 -14.66 31.25 -1.51
N GLU B 407 -15.77 30.85 -0.88
CA GLU B 407 -16.04 31.25 0.48
C GLU B 407 -15.57 30.12 1.37
N ILE B 408 -14.63 30.44 2.24
CA ILE B 408 -14.00 29.43 3.08
C ILE B 408 -14.35 29.72 4.51
N SER B 409 -14.99 28.77 5.17
CA SER B 409 -15.40 28.90 6.56
C SER B 409 -14.58 28.03 7.48
N ILE B 410 -14.06 28.62 8.55
CA ILE B 410 -13.34 27.89 9.58
C ILE B 410 -13.99 28.04 10.94
N THR B 411 -14.13 26.92 11.64
CA THR B 411 -14.73 26.88 12.97
C THR B 411 -13.87 26.10 13.94
N SER B 412 -13.67 26.66 15.13
CA SER B 412 -13.05 25.94 16.23
C SER B 412 -14.15 25.54 17.21
N ASN B 413 -14.07 24.34 17.75
CA ASN B 413 -15.10 23.84 18.66
C ASN B 413 -14.48 23.33 19.95
N LYS B 414 -13.28 23.81 20.24
CA LYS B 414 -12.52 23.41 21.41
C LYS B 414 -11.94 24.67 22.03
N CYS B 415 -10.85 24.51 22.75
CA CYS B 415 -9.89 25.58 22.92
C CYS B 415 -8.53 25.03 22.44
N PRO B 416 -8.41 24.84 21.10
CA PRO B 416 -7.21 24.20 20.53
C PRO B 416 -5.95 25.02 20.81
N LYS B 417 -5.16 24.59 21.79
CA LYS B 417 -3.97 25.34 22.23
C LYS B 417 -4.36 26.71 22.80
N LYS B 418 -3.40 27.37 23.42
CA LYS B 418 -3.48 28.82 23.62
C LYS B 418 -2.58 29.47 22.57
N ASP B 419 -1.85 28.63 21.84
CA ASP B 419 -0.91 29.08 20.82
C ASP B 419 -1.59 29.15 19.46
N SER B 420 -1.27 30.18 18.71
CA SER B 420 -1.80 30.36 17.37
C SER B 420 -1.40 29.20 16.45
N ASP B 421 -2.31 28.87 15.54
CA ASP B 421 -2.03 27.90 14.49
C ASP B 421 -1.91 28.62 13.16
N SER B 422 -1.27 27.96 12.20
CA SER B 422 -1.20 28.44 10.85
C SER B 422 -1.34 27.25 9.91
N PHE B 423 -1.99 27.47 8.76
CA PHE B 423 -2.04 26.45 7.72
C PHE B 423 -2.22 27.11 6.37
N LYS B 424 -1.92 26.39 5.31
CA LYS B 424 -2.00 26.95 3.97
C LYS B 424 -3.20 26.41 3.22
N ILE B 425 -3.74 27.26 2.36
CA ILE B 425 -4.72 26.86 1.37
C ILE B 425 -4.08 27.21 0.06
N ARG B 426 -4.10 26.26 -0.88
CA ARG B 426 -3.51 26.52 -2.18
C ARG B 426 -4.17 25.69 -3.26
N PRO B 427 -4.14 26.19 -4.51
CA PRO B 427 -4.62 25.39 -5.63
C PRO B 427 -3.56 24.39 -6.04
N LEU B 428 -3.94 23.13 -6.10
CA LEU B 428 -3.04 22.08 -6.55
C LEU B 428 -2.35 22.43 -7.87
N GLY B 429 -1.04 22.19 -7.93
CA GLY B 429 -0.25 22.48 -9.10
C GLY B 429 0.43 23.85 -9.08
N PHE B 430 0.20 24.63 -8.02
CA PHE B 430 0.73 25.98 -7.95
C PHE B 430 1.52 26.19 -6.67
N THR B 431 2.49 27.09 -6.74
CA THR B 431 3.26 27.49 -5.58
C THR B 431 2.48 28.50 -4.73
N GLU B 432 1.73 29.37 -5.40
CA GLU B 432 0.94 30.39 -4.74
C GLU B 432 0.02 29.81 -3.69
N GLU B 433 -0.05 30.44 -2.54
CA GLU B 433 -0.94 29.96 -1.49
C GLU B 433 -1.38 31.08 -0.56
N VAL B 434 -2.43 30.80 0.20
CA VAL B 434 -2.93 31.67 1.24
C VAL B 434 -2.52 31.13 2.59
N GLU B 435 -1.87 31.95 3.39
CA GLU B 435 -1.57 31.56 4.76
C GLU B 435 -2.71 32.00 5.66
N VAL B 436 -3.33 31.04 6.33
CA VAL B 436 -4.39 31.35 7.28
C VAL B 436 -3.86 31.16 8.67
N ILE B 437 -3.86 32.25 9.44
CA ILE B 437 -3.39 32.22 10.82
C ILE B 437 -4.61 32.20 11.70
N LEU B 438 -4.65 31.27 12.64
CA LEU B 438 -5.77 31.13 13.55
C LEU B 438 -5.39 31.54 14.95
N GLN B 439 -6.31 32.24 15.61
CA GLN B 439 -6.16 32.57 17.01
C GLN B 439 -7.43 32.17 17.70
N TYR B 440 -7.29 31.52 18.84
CA TYR B 440 -8.43 30.98 19.55
C TYR B 440 -8.78 31.83 20.76
N ILE B 441 -10.00 32.33 20.76
CA ILE B 441 -10.55 33.04 21.92
C ILE B 441 -11.02 32.03 22.94
N CYS B 442 -10.26 31.92 24.03
CA CYS B 442 -10.56 30.96 25.07
C CYS B 442 -10.86 31.68 26.38
N GLU B 443 -10.38 32.91 26.48
CA GLU B 443 -10.54 33.72 27.68
C GLU B 443 -11.16 35.07 27.36
N CYS B 444 -11.52 35.82 28.39
CA CYS B 444 -12.13 37.13 28.24
C CYS B 444 -11.06 38.24 28.31
N ARG C 1 -0.01 -11.05 -23.73
CA ARG C 1 0.44 -11.58 -22.46
C ARG C 1 1.92 -11.30 -22.23
N GLY C 2 2.27 -11.10 -20.97
CA GLY C 2 3.63 -10.75 -20.63
C GLY C 2 3.94 -9.42 -21.30
N ASP C 3 5.21 -9.16 -21.56
CA ASP C 3 5.61 -7.91 -22.17
C ASP C 3 5.56 -7.98 -23.68
#